data_5YJE
#
_entry.id   5YJE
#
_cell.length_a   149.990
_cell.length_b   86.800
_cell.length_c   99.150
_cell.angle_alpha   90.00
_cell.angle_beta   102.49
_cell.angle_gamma   90.00
#
_symmetry.space_group_name_H-M   'C 1 2 1'
#
loop_
_entity.id
_entity.type
_entity.pdbx_description
1 polymer 'Protein HIRA'
2 non-polymer 'SULFATE ION'
3 water water
#
_entity_poly.entity_id   1
_entity_poly.type   'polypeptide(L)'
_entity_poly.pdbx_seq_one_letter_code
;MGRPRKDSRLMPVSLSVQSPAALTAEKEAMCLSAPALALKLPIPSPQRAFTLQVSSDPSMYIEVENEVTVVGGVKLSRLK
CNREGKEWETVLTSRILTAAGSCDVVCVACEKRMLSVFSTCGRRLLSPILLPSPISTLHCTGSYVMALTAAATLSVWDVH
RQVVVVKEESLHSILAGSDMTVSQILLTQHGIPVMNLSDGKAYCFNPSLSTWNLVSDKQDSLAQCADFRSSLPSQDAMLC
SGPLAIIQGRTSNSGRQAARLFSVPHVVQQETTLAYLENQVAAALTLQSSHEYRHWLLVYARYLVNEGFEYRLREICKDL
LGPVHYSTGSQWESTVVGLRKRELLKELLPVIGQNLRFQRLFTECQEQLDILRDKLEGSS
;
_entity_poly.pdbx_strand_id   A,B,C
#
loop_
_chem_comp.id
_chem_comp.type
_chem_comp.name
_chem_comp.formula
SO4 non-polymer 'SULFATE ION' 'O4 S -2'
#
# COMPACT_ATOMS: atom_id res chain seq x y z
N LYS A 40 21.75 13.40 9.45
CA LYS A 40 20.76 13.72 10.48
C LYS A 40 19.99 14.95 10.07
N LEU A 41 19.06 15.40 10.91
CA LEU A 41 18.29 16.60 10.68
C LEU A 41 18.07 17.29 12.01
N PRO A 42 18.02 18.63 12.03
CA PRO A 42 17.95 19.35 13.32
C PRO A 42 16.68 19.01 14.10
N ILE A 43 16.88 18.60 15.34
CA ILE A 43 15.79 18.19 16.23
C ILE A 43 15.42 19.36 17.11
N PRO A 44 14.13 19.76 17.17
CA PRO A 44 13.73 20.84 18.07
C PRO A 44 13.97 20.48 19.53
N SER A 45 14.69 21.38 20.25
CA SER A 45 15.10 21.18 21.63
C SER A 45 13.97 21.53 22.60
N PRO A 46 13.97 20.91 23.79
CA PRO A 46 12.87 21.16 24.75
C PRO A 46 12.89 22.58 25.30
N GLN A 47 11.69 23.10 25.56
CA GLN A 47 11.51 24.47 26.05
C GLN A 47 10.50 24.50 27.19
N ARG A 48 10.58 25.57 28.00
CA ARG A 48 9.53 25.82 28.98
C ARG A 48 8.19 26.07 28.30
N ALA A 49 8.18 26.95 27.31
CA ALA A 49 6.95 27.28 26.59
C ALA A 49 7.34 27.89 25.26
N PHE A 50 6.39 27.93 24.34
CA PHE A 50 6.64 28.64 23.09
C PHE A 50 5.33 28.92 22.39
N THR A 51 5.39 29.85 21.44
CA THR A 51 4.26 30.25 20.62
C THR A 51 4.65 30.09 19.15
N LEU A 52 3.68 29.72 18.31
CA LEU A 52 3.95 29.47 16.90
C LEU A 52 2.76 29.92 16.08
N GLN A 53 3.03 30.59 14.97
CA GLN A 53 1.98 31.12 14.11
C GLN A 53 1.74 30.15 12.95
N VAL A 54 0.59 30.33 12.30
CA VAL A 54 0.33 29.69 11.02
C VAL A 54 -0.35 30.73 10.11
N PRO A 58 -6.00 34.37 7.42
CA PRO A 58 -6.38 33.20 8.19
C PRO A 58 -5.51 33.03 9.44
N SER A 59 -5.53 34.05 10.32
CA SER A 59 -4.65 34.06 11.48
C SER A 59 -5.11 33.05 12.52
N MET A 60 -4.15 32.28 13.05
CA MET A 60 -4.35 31.22 14.03
C MET A 60 -3.00 30.84 14.58
N TYR A 61 -2.89 30.64 15.90
CA TYR A 61 -1.61 30.30 16.47
C TYR A 61 -1.74 29.29 17.61
N ILE A 62 -0.60 28.70 17.95
CA ILE A 62 -0.45 27.62 18.91
C ILE A 62 0.41 28.13 20.05
N GLU A 63 0.00 27.86 21.28
CA GLU A 63 0.82 28.09 22.45
C GLU A 63 1.01 26.77 23.18
N VAL A 64 2.23 26.54 23.67
CA VAL A 64 2.59 25.30 24.34
C VAL A 64 3.23 25.69 25.66
N GLU A 65 2.80 25.05 26.75
CA GLU A 65 3.48 25.23 28.01
C GLU A 65 3.79 23.85 28.57
N ASN A 66 5.06 23.55 28.75
CA ASN A 66 5.47 22.19 29.05
C ASN A 66 5.58 21.96 30.56
N GLU A 67 4.92 20.91 31.03
CA GLU A 67 5.04 20.46 32.42
C GLU A 67 4.56 21.53 33.41
N VAL A 68 3.39 22.11 33.14
CA VAL A 68 2.86 23.18 33.97
C VAL A 68 2.18 22.70 35.24
N THR A 69 1.87 21.41 35.38
CA THR A 69 1.09 20.93 36.50
C THR A 69 1.22 19.42 36.56
N VAL A 70 0.78 18.83 37.68
CA VAL A 70 0.92 17.42 37.96
C VAL A 70 -0.41 16.88 38.46
N VAL A 71 -0.82 15.73 37.93
CA VAL A 71 -2.14 15.18 38.18
C VAL A 71 -2.00 13.66 38.25
N GLY A 72 -2.34 13.08 39.40
CA GLY A 72 -2.20 11.65 39.61
C GLY A 72 -0.80 11.11 39.35
N GLY A 73 0.22 11.95 39.55
CA GLY A 73 1.59 11.61 39.26
C GLY A 73 2.03 11.87 37.83
N VAL A 74 1.13 12.30 36.95
CA VAL A 74 1.40 12.53 35.55
C VAL A 74 1.62 14.02 35.32
N LYS A 75 2.82 14.39 34.85
CA LYS A 75 3.11 15.77 34.48
C LYS A 75 2.37 16.13 33.19
N LEU A 76 1.69 17.27 33.20
CA LEU A 76 0.87 17.68 32.07
C LEU A 76 1.53 18.80 31.30
N SER A 77 1.34 18.77 30.00
CA SER A 77 1.77 19.85 29.14
C SER A 77 0.53 20.40 28.45
N ARG A 78 0.49 21.70 28.23
CA ARG A 78 -0.69 22.34 27.67
C ARG A 78 -0.48 22.71 26.20
N LEU A 79 -1.53 22.51 25.44
CA LEU A 79 -1.62 22.88 24.03
C LEU A 79 -2.83 23.81 23.89
N LYS A 80 -2.55 25.07 23.57
CA LYS A 80 -3.58 26.07 23.37
C LYS A 80 -3.61 26.44 21.90
N CYS A 81 -4.81 26.65 21.38
CA CYS A 81 -5.00 27.04 19.99
C CYS A 81 -5.92 28.24 19.95
N ASN A 82 -5.36 29.39 19.55
CA ASN A 82 -6.11 30.63 19.36
C ASN A 82 -6.40 30.78 17.87
N ARG A 83 -7.67 30.65 17.50
CA ARG A 83 -8.09 30.74 16.10
C ARG A 83 -9.25 31.73 16.00
N GLU A 84 -9.03 32.81 15.25
CA GLU A 84 -10.01 33.88 15.09
C GLU A 84 -10.43 34.40 16.45
N GLY A 85 -11.71 34.24 16.79
CA GLY A 85 -12.14 34.57 18.14
C GLY A 85 -12.01 33.44 19.13
N LYS A 86 -12.20 32.20 18.69
CA LYS A 86 -12.32 31.07 19.60
C LYS A 86 -10.95 30.53 20.02
N GLU A 87 -10.85 30.08 21.27
CA GLU A 87 -9.67 29.43 21.80
C GLU A 87 -10.06 28.03 22.28
N TRP A 88 -9.26 27.03 21.95
CA TRP A 88 -9.42 25.74 22.61
C TRP A 88 -8.11 25.33 23.26
N GLU A 89 -8.19 24.31 24.10
CA GLU A 89 -6.94 23.82 24.69
C GLU A 89 -7.09 22.37 25.11
N THR A 90 -5.95 21.78 25.43
CA THR A 90 -5.94 20.41 25.88
C THR A 90 -4.62 20.14 26.59
N VAL A 91 -4.53 18.96 27.16
CA VAL A 91 -3.34 18.53 27.88
C VAL A 91 -2.79 17.28 27.22
N LEU A 92 -1.45 17.14 27.28
CA LEU A 92 -0.74 15.94 26.88
C LEU A 92 0.12 15.47 28.05
N THR A 93 0.50 14.19 28.06
CA THR A 93 1.24 13.64 29.19
C THR A 93 2.73 13.60 28.95
N SER A 94 3.24 14.34 27.96
CA SER A 94 4.67 14.48 27.78
C SER A 94 4.92 15.80 27.07
N ARG A 95 6.18 16.21 27.04
CA ARG A 95 6.49 17.55 26.57
C ARG A 95 6.40 17.68 25.06
N ILE A 96 5.89 18.83 24.63
CA ILE A 96 5.68 19.15 23.23
C ILE A 96 6.94 19.81 22.68
N LEU A 97 7.51 19.23 21.64
CA LEU A 97 8.73 19.70 21.05
C LEU A 97 8.49 20.61 19.87
N THR A 98 7.46 20.32 19.07
CA THR A 98 7.13 21.24 17.99
C THR A 98 5.68 21.04 17.62
N ALA A 99 5.15 21.97 16.82
CA ALA A 99 3.75 21.95 16.43
C ALA A 99 3.61 22.44 15.00
N ALA A 100 2.40 22.23 14.48
CA ALA A 100 2.01 22.72 13.18
C ALA A 100 0.50 22.60 13.10
N GLY A 101 -0.10 23.31 12.16
CA GLY A 101 -1.54 23.31 12.10
C GLY A 101 -2.04 23.90 10.80
N SER A 102 -3.28 23.59 10.49
CA SER A 102 -3.96 24.08 9.32
C SER A 102 -5.35 24.54 9.73
N CYS A 103 -6.19 24.89 8.75
CA CYS A 103 -7.58 25.22 9.03
C CYS A 103 -8.38 24.02 9.54
N ASP A 104 -7.83 22.82 9.50
CA ASP A 104 -8.58 21.63 9.87
C ASP A 104 -7.99 20.84 11.02
N VAL A 105 -6.72 21.05 11.33
CA VAL A 105 -5.96 20.08 12.09
C VAL A 105 -4.87 20.81 12.83
N VAL A 106 -4.60 20.38 14.06
CA VAL A 106 -3.40 20.76 14.78
C VAL A 106 -2.65 19.49 15.12
N CYS A 107 -1.34 19.49 14.91
CA CYS A 107 -0.54 18.34 15.26
C CYS A 107 0.68 18.79 16.04
N VAL A 108 1.16 17.87 16.88
CA VAL A 108 2.15 18.16 17.90
C VAL A 108 3.11 16.99 17.98
N ALA A 109 4.41 17.29 17.98
CA ALA A 109 5.46 16.30 18.19
C ALA A 109 6.00 16.44 19.60
N CYS A 110 5.89 15.35 20.36
CA CYS A 110 6.27 15.21 21.75
C CYS A 110 7.50 14.32 21.91
N GLU A 111 8.17 14.57 23.03
CA GLU A 111 9.40 13.92 23.47
C GLU A 111 9.53 12.48 23.01
N LYS A 112 8.72 11.58 23.56
CA LYS A 112 9.06 10.18 23.34
C LYS A 112 8.80 9.73 21.90
N ARG A 113 9.29 10.51 20.91
CA ARG A 113 9.09 10.24 19.48
C ARG A 113 7.60 10.09 19.16
N MET A 114 6.75 10.90 19.80
CA MET A 114 5.31 10.71 19.68
C MET A 114 4.68 11.85 18.90
N LEU A 115 3.64 11.52 18.13
CA LEU A 115 2.96 12.46 17.25
C LEU A 115 1.48 12.43 17.58
N SER A 116 0.90 13.58 17.92
CA SER A 116 -0.52 13.66 18.24
C SER A 116 -1.25 14.65 17.34
N VAL A 117 -2.49 14.34 17.00
CA VAL A 117 -3.25 15.09 16.01
C VAL A 117 -4.63 15.42 16.59
N PHE A 118 -4.99 16.69 16.53
CA PHE A 118 -6.20 17.21 17.14
C PHE A 118 -7.01 17.93 16.08
N SER A 119 -8.31 17.99 16.30
CA SER A 119 -9.24 18.62 15.37
C SER A 119 -9.09 20.13 15.38
N THR A 120 -9.86 20.79 14.50
CA THR A 120 -9.86 22.25 14.49
C THR A 120 -10.27 22.82 15.84
N CYS A 121 -11.05 22.08 16.62
CA CYS A 121 -11.49 22.52 17.94
C CYS A 121 -10.90 21.67 19.07
N GLY A 122 -9.75 21.03 18.84
CA GLY A 122 -8.95 20.48 19.92
C GLY A 122 -9.29 19.07 20.38
N ARG A 123 -10.16 18.36 19.68
CA ARG A 123 -10.43 16.97 19.98
C ARG A 123 -9.34 16.08 19.38
N ARG A 124 -8.71 15.24 20.20
CA ARG A 124 -7.75 14.25 19.69
C ARG A 124 -8.41 13.41 18.60
N LEU A 125 -7.76 13.34 17.45
CA LEU A 125 -8.29 12.60 16.30
C LEU A 125 -7.77 11.16 16.22
N LEU A 126 -6.50 10.96 16.53
CA LEU A 126 -5.85 9.65 16.42
C LEU A 126 -5.07 9.37 17.69
N SER A 127 -4.99 8.08 18.05
CA SER A 127 -4.02 7.61 19.04
C SER A 127 -2.65 8.16 18.71
N PRO A 128 -1.81 8.44 19.71
CA PRO A 128 -0.46 8.91 19.42
C PRO A 128 0.28 7.95 18.50
N ILE A 129 1.05 8.52 17.59
CA ILE A 129 1.78 7.77 16.58
C ILE A 129 3.24 7.71 17.00
N LEU A 130 3.78 6.50 17.09
CA LEU A 130 5.19 6.32 17.41
C LEU A 130 6.00 6.41 16.13
N LEU A 131 6.86 7.42 16.05
CA LEU A 131 7.71 7.49 14.88
C LEU A 131 9.05 6.80 15.15
N PRO A 132 9.72 6.32 14.10
CA PRO A 132 10.92 5.50 14.32
C PRO A 132 12.16 6.32 14.63
N SER A 133 12.04 7.64 14.62
CA SER A 133 13.15 8.56 14.72
C SER A 133 12.59 9.86 15.29
N PRO A 134 13.40 10.63 16.03
CA PRO A 134 12.86 11.89 16.60
C PRO A 134 12.41 12.85 15.51
N ILE A 135 11.38 13.63 15.85
CA ILE A 135 10.84 14.58 14.90
C ILE A 135 11.89 15.64 14.59
N SER A 136 11.89 16.09 13.34
CA SER A 136 12.63 17.28 12.92
C SER A 136 11.68 18.43 12.63
N THR A 137 10.76 18.24 11.68
CA THR A 137 9.79 19.27 11.37
C THR A 137 8.44 18.61 11.11
N LEU A 138 7.39 19.39 11.32
CA LEU A 138 6.01 19.03 11.02
C LEU A 138 5.44 20.08 10.10
N HIS A 139 4.51 19.65 9.26
CA HIS A 139 3.81 20.55 8.35
C HIS A 139 2.40 19.99 8.18
N CYS A 140 1.42 20.88 8.08
CA CYS A 140 0.04 20.47 7.80
C CYS A 140 -0.49 21.26 6.62
N THR A 141 -1.37 20.63 5.86
CA THR A 141 -2.08 21.29 4.77
C THR A 141 -3.46 20.65 4.71
N GLY A 142 -4.50 21.40 5.03
CA GLY A 142 -5.79 20.77 5.20
C GLY A 142 -5.71 19.67 6.25
N SER A 143 -6.23 18.51 5.92
CA SER A 143 -6.21 17.34 6.79
C SER A 143 -5.01 16.44 6.53
N TYR A 144 -3.97 16.97 5.90
CA TYR A 144 -2.76 16.20 5.61
C TYR A 144 -1.66 16.64 6.57
N VAL A 145 -1.05 15.67 7.25
CA VAL A 145 -0.01 15.91 8.23
C VAL A 145 1.27 15.25 7.74
N MET A 146 2.34 16.03 7.67
CA MET A 146 3.62 15.56 7.20
C MET A 146 4.64 15.70 8.33
N ALA A 147 5.32 14.60 8.62
CA ALA A 147 6.39 14.56 9.62
C ALA A 147 7.69 14.22 8.90
N LEU A 148 8.71 15.02 9.12
CA LEU A 148 10.04 14.72 8.64
C LEU A 148 10.91 14.50 9.86
N THR A 149 11.56 13.33 9.92
CA THR A 149 12.30 12.93 11.11
C THR A 149 13.77 13.30 10.98
N ALA A 150 14.48 13.22 12.11
CA ALA A 150 15.92 13.46 12.11
C ALA A 150 16.66 12.49 11.19
N ALA A 151 16.14 11.28 11.01
CA ALA A 151 16.73 10.30 10.10
C ALA A 151 16.44 10.62 8.62
N ALA A 152 15.86 11.78 8.34
CA ALA A 152 15.58 12.28 6.99
C ALA A 152 14.50 11.49 6.28
N THR A 153 13.65 10.78 7.03
CA THR A 153 12.51 10.09 6.44
C THR A 153 11.26 10.95 6.55
N LEU A 154 10.37 10.77 5.59
CA LEU A 154 9.22 11.64 5.37
C LEU A 154 7.95 10.80 5.40
N SER A 155 6.98 11.21 6.22
CA SER A 155 5.69 10.54 6.23
C SER A 155 4.58 11.57 6.07
N VAL A 156 3.50 11.14 5.40
CA VAL A 156 2.31 11.97 5.18
C VAL A 156 1.09 11.12 5.49
N TRP A 157 0.22 11.63 6.36
CA TRP A 157 -1.05 11.00 6.66
C TRP A 157 -2.20 11.89 6.22
N ASP A 158 -3.27 11.24 5.80
CA ASP A 158 -4.57 11.88 5.60
C ASP A 158 -5.35 11.63 6.88
N VAL A 159 -5.40 12.61 7.78
CA VAL A 159 -6.02 12.35 9.06
C VAL A 159 -7.54 12.46 9.00
N HIS A 160 -8.09 13.08 7.96
CA HIS A 160 -9.53 13.00 7.79
C HIS A 160 -9.96 11.60 7.35
N ARG A 161 -9.26 11.02 6.38
CA ARG A 161 -9.62 9.68 5.94
C ARG A 161 -8.97 8.58 6.77
N GLN A 162 -7.96 8.92 7.57
CA GLN A 162 -7.28 7.98 8.48
C GLN A 162 -6.46 6.95 7.71
N VAL A 163 -5.77 7.41 6.68
CA VAL A 163 -4.91 6.56 5.86
C VAL A 163 -3.56 7.24 5.76
N VAL A 164 -2.52 6.43 5.61
CA VAL A 164 -1.22 6.94 5.22
C VAL A 164 -1.26 7.34 3.75
N VAL A 165 -0.57 8.43 3.42
CA VAL A 165 -0.39 8.86 2.04
C VAL A 165 1.03 8.58 1.58
N VAL A 166 2.01 8.94 2.39
CA VAL A 166 3.41 8.68 2.09
C VAL A 166 3.99 7.96 3.29
N LYS A 167 4.37 6.70 3.10
CA LYS A 167 4.88 5.84 4.18
C LYS A 167 6.40 5.88 4.22
N GLU A 168 6.94 6.74 5.08
CA GLU A 168 8.36 6.74 5.46
C GLU A 168 9.28 6.61 4.24
N GLU A 169 9.38 7.70 3.52
CA GLU A 169 10.23 7.81 2.34
C GLU A 169 11.53 8.48 2.73
N SER A 170 12.63 7.76 2.56
CA SER A 170 13.94 8.34 2.80
C SER A 170 14.24 9.40 1.75
N LEU A 171 14.79 10.52 2.21
CA LEU A 171 15.29 11.54 1.30
C LEU A 171 16.75 11.34 0.89
N HIS A 172 17.46 10.41 1.54
CA HIS A 172 18.73 9.93 0.98
C HIS A 172 18.51 9.38 -0.43
N SER A 173 17.48 8.55 -0.58
CA SER A 173 17.17 7.95 -1.88
C SER A 173 17.00 8.98 -2.99
N ILE A 174 16.68 10.22 -2.63
CA ILE A 174 16.65 11.29 -3.62
C ILE A 174 18.02 11.93 -3.77
N LEU A 175 18.61 12.41 -2.67
CA LEU A 175 19.80 13.26 -2.76
C LEU A 175 21.05 12.48 -3.15
N ALA A 176 21.15 11.20 -2.77
CA ALA A 176 22.22 10.27 -3.16
C ALA A 176 23.59 10.87 -2.88
N GLY A 177 24.58 10.52 -3.70
CA GLY A 177 25.94 11.01 -3.55
C GLY A 177 26.18 12.42 -4.03
N SER A 178 25.13 13.11 -4.45
CA SER A 178 25.25 14.50 -4.90
C SER A 178 25.19 15.43 -3.70
N ASP A 179 25.96 16.52 -3.78
CA ASP A 179 26.13 17.42 -2.64
C ASP A 179 24.99 18.44 -2.55
N MET A 180 23.79 18.03 -2.93
CA MET A 180 22.66 18.95 -3.02
C MET A 180 22.18 19.35 -1.63
N THR A 181 21.12 20.15 -1.62
CA THR A 181 20.40 20.53 -0.41
C THR A 181 18.94 20.68 -0.79
N VAL A 182 18.05 20.11 0.04
CA VAL A 182 16.62 20.36 -0.12
C VAL A 182 16.37 21.81 0.25
N SER A 183 16.43 22.70 -0.73
CA SER A 183 16.30 24.12 -0.45
C SER A 183 14.91 24.44 0.12
N GLN A 184 13.87 23.76 -0.32
CA GLN A 184 12.52 23.99 0.18
C GLN A 184 11.77 22.66 0.26
N ILE A 185 10.56 22.71 0.78
CA ILE A 185 9.66 21.56 0.86
C ILE A 185 8.24 22.08 0.95
N LEU A 186 7.37 21.61 0.07
CA LEU A 186 5.98 22.02 0.07
C LEU A 186 5.07 20.80 0.11
N LEU A 187 3.93 20.96 0.76
CA LEU A 187 2.92 19.90 0.86
C LEU A 187 1.62 20.43 0.29
N THR A 188 1.15 19.87 -0.82
CA THR A 188 0.00 20.40 -1.55
C THR A 188 -1.30 20.06 -0.85
N GLN A 189 -2.41 20.56 -1.40
CA GLN A 189 -3.73 20.29 -0.88
C GLN A 189 -4.16 18.84 -1.08
N HIS A 190 -3.33 18.01 -1.70
CA HIS A 190 -3.67 16.61 -1.84
C HIS A 190 -2.79 15.72 -0.99
N GLY A 191 -1.94 16.30 -0.14
CA GLY A 191 -1.02 15.51 0.65
C GLY A 191 0.20 15.03 -0.09
N ILE A 192 0.53 15.71 -1.20
CA ILE A 192 1.65 15.36 -2.06
C ILE A 192 2.85 16.19 -1.62
N PRO A 193 3.96 15.58 -1.23
CA PRO A 193 5.17 16.36 -0.93
C PRO A 193 6.01 16.65 -2.17
N VAL A 194 6.64 17.83 -2.14
CA VAL A 194 7.49 18.34 -3.21
C VAL A 194 8.76 18.87 -2.57
N MET A 195 9.90 18.31 -2.94
CA MET A 195 11.23 18.79 -2.55
C MET A 195 11.80 19.64 -3.67
N ASN A 196 12.02 20.92 -3.40
CA ASN A 196 12.73 21.80 -4.32
C ASN A 196 14.20 21.77 -3.92
N LEU A 197 15.04 21.21 -4.77
CA LEU A 197 16.44 21.05 -4.46
C LEU A 197 17.22 22.30 -4.86
N SER A 198 18.50 22.32 -4.48
CA SER A 198 19.33 23.50 -4.73
C SER A 198 19.68 23.65 -6.20
N ASP A 199 19.75 22.55 -6.94
CA ASP A 199 20.18 22.63 -8.32
C ASP A 199 19.06 23.02 -9.27
N GLY A 200 17.88 23.33 -8.76
CA GLY A 200 16.78 23.76 -9.60
C GLY A 200 15.79 22.67 -9.93
N LYS A 201 16.13 21.42 -9.63
CA LYS A 201 15.20 20.31 -9.83
C LYS A 201 14.23 20.23 -8.65
N ALA A 202 12.97 19.97 -8.97
CA ALA A 202 11.93 19.72 -7.99
C ALA A 202 11.39 18.30 -8.18
N TYR A 203 11.35 17.54 -7.10
CA TYR A 203 10.82 16.19 -7.12
C TYR A 203 9.58 16.14 -6.26
N CYS A 204 8.53 15.51 -6.75
CA CYS A 204 7.37 15.31 -5.90
C CYS A 204 7.02 13.83 -5.87
N PHE A 205 6.54 13.36 -4.71
CA PHE A 205 6.26 11.96 -4.50
C PHE A 205 4.87 11.64 -5.02
N ASN A 206 4.76 10.63 -5.91
CA ASN A 206 3.43 10.17 -6.30
C ASN A 206 3.03 9.00 -5.43
N PRO A 207 1.95 9.10 -4.66
CA PRO A 207 1.62 7.99 -3.75
C PRO A 207 1.10 6.77 -4.46
N SER A 208 0.35 6.92 -5.57
CA SER A 208 -0.14 5.73 -6.24
C SER A 208 0.98 5.01 -6.98
N LEU A 209 1.92 5.75 -7.55
CA LEU A 209 3.07 5.11 -8.16
C LEU A 209 4.14 4.76 -7.14
N SER A 210 4.07 5.37 -5.94
CA SER A 210 5.10 5.24 -4.92
C SER A 210 6.51 5.57 -5.47
N THR A 211 6.62 6.75 -6.08
CA THR A 211 7.87 7.19 -6.70
C THR A 211 8.10 8.68 -6.42
N TRP A 212 9.38 9.06 -6.47
CA TRP A 212 9.75 10.45 -6.63
C TRP A 212 9.79 10.74 -8.12
N ASN A 213 9.21 11.87 -8.51
CA ASN A 213 9.05 12.20 -9.91
C ASN A 213 9.49 13.63 -10.19
N LEU A 214 10.34 13.78 -11.21
CA LEU A 214 10.85 15.09 -11.61
C LEU A 214 9.73 15.91 -12.25
N VAL A 215 9.37 17.02 -11.63
CA VAL A 215 8.34 17.91 -12.15
C VAL A 215 8.86 19.29 -12.52
N SER A 216 10.14 19.58 -12.30
CA SER A 216 10.70 20.85 -12.71
C SER A 216 12.22 20.73 -12.73
N ASP A 217 12.85 21.32 -13.74
CA ASP A 217 14.32 21.32 -13.83
C ASP A 217 14.73 22.64 -14.49
N LYS A 218 14.92 23.66 -13.65
CA LYS A 218 15.09 25.02 -14.19
C LYS A 218 16.28 25.11 -15.14
N GLN A 219 17.34 24.33 -14.92
CA GLN A 219 18.54 24.38 -15.77
C GLN A 219 18.43 23.53 -17.04
N ASP A 220 17.40 22.71 -17.17
CA ASP A 220 17.19 21.97 -18.41
C ASP A 220 15.76 22.14 -18.92
N SER A 221 15.10 23.21 -18.50
CA SER A 221 13.75 23.46 -18.98
C SER A 221 13.72 23.60 -20.50
N LEU A 222 12.62 23.18 -21.10
CA LEU A 222 12.39 23.36 -22.52
C LEU A 222 11.42 24.49 -22.80
N ALA A 223 11.12 25.32 -21.79
CA ALA A 223 10.01 26.27 -21.88
C ALA A 223 10.33 27.43 -22.80
N GLN A 224 11.59 27.90 -22.80
CA GLN A 224 11.97 29.01 -23.67
C GLN A 224 12.00 28.61 -25.13
N CYS A 225 12.42 27.36 -25.41
CA CYS A 225 12.33 26.82 -26.76
C CYS A 225 10.89 26.57 -27.17
N ALA A 226 10.02 26.25 -26.23
CA ALA A 226 8.70 25.74 -26.58
C ALA A 226 7.87 26.85 -27.24
N ASP A 227 7.50 26.63 -28.50
CA ASP A 227 6.75 27.59 -29.28
C ASP A 227 5.37 27.02 -29.60
N PHE A 228 4.37 27.49 -28.85
CA PHE A 228 2.99 27.04 -29.02
C PHE A 228 2.06 28.24 -28.86
N ARG A 229 0.83 28.10 -29.35
CA ARG A 229 -0.20 29.14 -29.20
C ARG A 229 -0.57 29.34 -27.73
N CYS A 240 1.37 32.21 -11.30
CA CYS A 240 0.00 31.69 -11.45
C CYS A 240 -0.44 30.92 -10.20
N SER A 241 -1.65 30.38 -10.25
CA SER A 241 -2.31 29.91 -9.02
C SER A 241 -1.72 28.60 -8.53
N GLY A 242 -1.80 27.52 -9.36
CA GLY A 242 -1.71 26.15 -8.87
C GLY A 242 -0.30 25.74 -8.47
N PRO A 243 -0.20 24.55 -7.86
CA PRO A 243 1.12 24.05 -7.45
C PRO A 243 2.18 24.08 -8.55
N LEU A 244 1.91 23.47 -9.72
CA LEU A 244 2.94 23.39 -10.75
C LEU A 244 3.50 24.76 -11.13
N ALA A 245 2.63 25.75 -11.28
CA ALA A 245 3.08 27.13 -11.46
C ALA A 245 4.09 27.53 -10.39
N ILE A 246 3.74 27.31 -9.12
CA ILE A 246 4.59 27.78 -8.02
C ILE A 246 5.93 27.07 -8.03
N ILE A 247 5.94 25.74 -8.22
CA ILE A 247 7.20 25.02 -8.16
C ILE A 247 8.14 25.48 -9.28
N GLN A 248 7.60 25.70 -10.48
CA GLN A 248 8.44 26.03 -11.63
C GLN A 248 8.88 27.49 -11.62
N GLY A 249 8.08 28.39 -11.05
CA GLY A 249 8.54 29.75 -10.76
C GLY A 249 8.45 30.75 -11.87
N ARG A 250 8.94 30.41 -13.07
CA ARG A 250 8.77 31.27 -14.23
C ARG A 250 7.30 31.52 -14.58
N THR A 251 6.37 30.91 -13.85
CA THR A 251 4.94 31.19 -13.92
C THR A 251 4.54 32.43 -13.13
N SER A 252 5.52 33.29 -12.79
CA SER A 252 5.22 34.58 -12.17
C SER A 252 4.27 35.40 -13.03
N ASN A 253 4.69 35.70 -14.27
CA ASN A 253 3.92 36.47 -15.24
C ASN A 253 4.60 36.46 -16.60
N SER A 254 4.49 35.35 -17.35
CA SER A 254 5.27 35.24 -18.61
C SER A 254 4.59 34.25 -19.56
N GLY A 255 3.47 34.67 -20.15
CA GLY A 255 2.78 33.89 -21.17
C GLY A 255 3.07 34.38 -22.57
N ARG A 256 4.32 34.76 -22.82
CA ARG A 256 4.74 35.27 -24.12
C ARG A 256 4.98 34.13 -25.10
N GLN A 257 4.39 34.23 -26.29
CA GLN A 257 4.71 33.28 -27.36
C GLN A 257 6.22 33.25 -27.58
N ALA A 258 6.76 32.04 -27.76
CA ALA A 258 8.19 31.92 -28.01
C ALA A 258 8.50 32.16 -29.49
N ALA A 259 9.76 32.47 -29.76
CA ALA A 259 10.20 32.72 -31.12
C ALA A 259 10.64 31.42 -31.81
N ARG A 260 10.62 31.45 -33.13
CA ARG A 260 11.21 30.36 -33.89
C ARG A 260 12.73 30.40 -33.74
N LEU A 261 13.33 29.22 -33.51
CA LEU A 261 14.77 29.12 -33.41
C LEU A 261 15.41 29.36 -34.77
N PHE A 262 16.46 30.18 -34.79
CA PHE A 262 17.22 30.31 -36.03
C PHE A 262 18.30 29.25 -36.13
N SER A 263 18.54 28.53 -35.03
CA SER A 263 19.65 27.61 -34.87
C SER A 263 19.33 26.20 -35.31
N VAL A 264 18.06 25.82 -35.41
CA VAL A 264 17.71 24.42 -35.65
C VAL A 264 16.54 24.36 -36.62
N PRO A 265 16.46 23.24 -37.36
CA PRO A 265 15.28 22.99 -38.20
C PRO A 265 13.99 22.96 -37.41
N HIS A 266 12.91 23.28 -38.11
CA HIS A 266 11.60 23.37 -37.50
C HIS A 266 11.23 22.10 -36.73
N VAL A 267 11.62 20.93 -37.25
CA VAL A 267 11.20 19.67 -36.63
C VAL A 267 11.77 19.54 -35.23
N VAL A 268 12.97 20.08 -35.00
CA VAL A 268 13.57 20.03 -33.68
C VAL A 268 12.76 20.87 -32.69
N GLN A 269 12.37 22.08 -33.09
CA GLN A 269 11.57 22.90 -32.20
C GLN A 269 10.19 22.30 -31.99
N GLN A 270 9.62 21.65 -33.00
CA GLN A 270 8.37 20.93 -32.79
C GLN A 270 8.53 19.85 -31.74
N GLU A 271 9.63 19.11 -31.78
CA GLU A 271 9.76 18.00 -30.85
C GLU A 271 10.09 18.51 -29.45
N THR A 272 10.93 19.54 -29.36
CA THR A 272 11.12 20.20 -28.07
C THR A 272 9.78 20.67 -27.50
N THR A 273 8.93 21.25 -28.35
CA THR A 273 7.67 21.79 -27.86
C THR A 273 6.73 20.67 -27.41
N LEU A 274 6.63 19.60 -28.21
CA LEU A 274 5.90 18.40 -27.82
C LEU A 274 6.38 17.88 -26.47
N ALA A 275 7.69 17.64 -26.35
CA ALA A 275 8.25 17.08 -25.13
C ALA A 275 7.96 17.99 -23.94
N TYR A 276 8.12 19.30 -24.10
CA TYR A 276 7.83 20.23 -23.02
C TYR A 276 6.38 20.13 -22.60
N LEU A 277 5.48 20.14 -23.58
CA LEU A 277 4.04 20.15 -23.27
C LEU A 277 3.59 18.84 -22.65
N GLU A 278 4.18 17.72 -23.08
CA GLU A 278 3.85 16.43 -22.46
C GLU A 278 4.42 16.35 -21.06
N ASN A 279 5.63 16.90 -20.85
CA ASN A 279 6.13 17.06 -19.49
C ASN A 279 5.15 17.84 -18.62
N GLN A 280 4.59 18.95 -19.12
CA GLN A 280 3.70 19.75 -18.29
C GLN A 280 2.43 18.98 -17.95
N VAL A 281 1.83 18.31 -18.96
CA VAL A 281 0.67 17.46 -18.68
C VAL A 281 1.01 16.42 -17.63
N ALA A 282 2.09 15.67 -17.86
CA ALA A 282 2.52 14.64 -16.92
C ALA A 282 2.70 15.22 -15.53
N ALA A 283 3.36 16.37 -15.43
CA ALA A 283 3.71 16.94 -14.14
C ALA A 283 2.45 17.37 -13.39
N ALA A 284 1.53 18.05 -14.08
CA ALA A 284 0.27 18.39 -13.44
C ALA A 284 -0.47 17.13 -13.01
N LEU A 285 -0.24 16.02 -13.71
CA LEU A 285 -0.87 14.77 -13.32
C LEU A 285 -0.27 14.25 -12.01
N THR A 286 1.05 14.05 -11.97
CA THR A 286 1.64 13.50 -10.75
C THR A 286 1.38 14.39 -9.54
N LEU A 287 1.36 15.70 -9.74
CA LEU A 287 0.95 16.64 -8.72
C LEU A 287 -0.55 16.62 -8.44
N GLN A 288 -1.33 15.88 -9.23
CA GLN A 288 -2.79 15.74 -9.06
C GLN A 288 -3.49 17.10 -9.07
N SER A 289 -2.93 18.06 -9.81
CA SER A 289 -3.43 19.42 -9.90
C SER A 289 -4.47 19.49 -11.01
N SER A 290 -5.74 19.33 -10.62
CA SER A 290 -6.84 19.22 -11.57
C SER A 290 -6.89 20.40 -12.55
N HIS A 291 -6.85 21.62 -12.03
CA HIS A 291 -6.98 22.77 -12.92
C HIS A 291 -5.78 22.89 -13.87
N GLU A 292 -4.57 22.69 -13.34
CA GLU A 292 -3.40 22.79 -14.20
C GLU A 292 -3.38 21.67 -15.23
N TYR A 293 -3.81 20.46 -14.84
CA TYR A 293 -3.89 19.36 -15.79
C TYR A 293 -4.83 19.70 -16.94
N ARG A 294 -5.99 20.26 -16.63
CA ARG A 294 -6.94 20.63 -17.68
C ARG A 294 -6.33 21.67 -18.61
N HIS A 295 -5.71 22.69 -18.03
CA HIS A 295 -5.12 23.76 -18.83
C HIS A 295 -4.07 23.22 -19.79
N TRP A 296 -3.10 22.45 -19.28
CA TRP A 296 -2.04 21.93 -20.14
C TRP A 296 -2.54 20.88 -21.11
N LEU A 297 -3.54 20.10 -20.73
CA LEU A 297 -4.09 19.12 -21.65
C LEU A 297 -4.70 19.81 -22.85
N LEU A 298 -5.38 20.93 -22.61
CA LEU A 298 -5.99 21.68 -23.69
C LEU A 298 -4.94 22.40 -24.55
N VAL A 299 -3.89 22.95 -23.91
CA VAL A 299 -2.84 23.60 -24.69
C VAL A 299 -2.14 22.58 -25.59
N TYR A 300 -1.77 21.45 -25.00
CA TYR A 300 -1.13 20.37 -25.73
C TYR A 300 -2.00 19.90 -26.87
N ALA A 301 -3.29 19.69 -26.59
CA ALA A 301 -4.19 19.23 -27.63
C ALA A 301 -4.28 20.25 -28.78
N ARG A 302 -4.36 21.55 -28.45
CA ARG A 302 -4.34 22.59 -29.49
C ARG A 302 -3.09 22.49 -30.33
N TYR A 303 -1.93 22.32 -29.68
CA TYR A 303 -0.68 22.21 -30.42
C TYR A 303 -0.71 21.00 -31.36
N LEU A 304 -1.23 19.86 -30.88
CA LEU A 304 -1.33 18.69 -31.75
C LEU A 304 -2.20 18.99 -32.97
N VAL A 305 -3.28 19.74 -32.76
CA VAL A 305 -4.19 20.10 -33.86
C VAL A 305 -3.49 20.99 -34.86
N ASN A 306 -2.79 22.04 -34.37
CA ASN A 306 -2.17 23.03 -35.23
C ASN A 306 -0.93 22.51 -35.94
N GLU A 307 -0.22 21.54 -35.38
CA GLU A 307 0.93 21.00 -36.07
C GLU A 307 0.58 19.78 -36.92
N GLY A 308 -0.59 19.18 -36.70
CA GLY A 308 -0.97 18.01 -37.48
C GLY A 308 -0.45 16.69 -36.98
N PHE A 309 -0.22 16.54 -35.66
CA PHE A 309 0.19 15.26 -35.08
C PHE A 309 -1.03 14.39 -34.79
N GLU A 310 -1.45 13.65 -35.82
CA GLU A 310 -2.73 12.93 -35.77
C GLU A 310 -2.67 11.74 -34.82
N TYR A 311 -1.53 11.06 -34.72
CA TYR A 311 -1.51 9.82 -33.96
C TYR A 311 -1.60 10.09 -32.47
N ARG A 312 -0.84 11.07 -31.96
CA ARG A 312 -0.97 11.46 -30.56
C ARG A 312 -2.37 12.01 -30.28
N LEU A 313 -2.94 12.78 -31.22
CA LEU A 313 -4.27 13.34 -31.03
C LEU A 313 -5.32 12.23 -30.92
N ARG A 314 -5.33 11.32 -31.89
CA ARG A 314 -6.26 10.19 -31.83
C ARG A 314 -6.05 9.39 -30.57
N GLU A 315 -4.80 9.20 -30.16
CA GLU A 315 -4.53 8.45 -28.95
C GLU A 315 -5.17 9.09 -27.72
N ILE A 316 -4.99 10.40 -27.52
CA ILE A 316 -5.60 10.99 -26.33
C ILE A 316 -7.11 10.96 -26.44
N CYS A 317 -7.64 11.20 -27.65
CA CYS A 317 -9.09 11.13 -27.84
C CYS A 317 -9.64 9.75 -27.47
N LYS A 318 -8.97 8.69 -27.91
CA LYS A 318 -9.38 7.33 -27.54
C LYS A 318 -9.35 7.15 -26.03
N ASP A 319 -8.29 7.63 -25.37
CA ASP A 319 -8.20 7.45 -23.93
C ASP A 319 -9.32 8.20 -23.21
N LEU A 320 -9.68 9.39 -23.71
CA LEU A 320 -10.71 10.22 -23.11
C LEU A 320 -12.11 9.75 -23.45
N LEU A 321 -12.26 8.94 -24.50
CA LEU A 321 -13.57 8.44 -24.89
C LEU A 321 -13.92 7.14 -24.21
N GLY A 322 -12.92 6.34 -23.86
CA GLY A 322 -13.16 5.03 -23.30
C GLY A 322 -13.74 4.11 -24.35
N PRO A 323 -14.38 3.02 -23.91
CA PRO A 323 -15.01 2.06 -24.81
C PRO A 323 -16.53 2.23 -24.87
N TRP A 332 -10.61 0.56 -18.01
CA TRP A 332 -10.77 2.01 -18.19
C TRP A 332 -11.38 2.65 -16.96
N GLU A 333 -10.73 3.69 -16.45
CA GLU A 333 -11.28 4.48 -15.36
C GLU A 333 -11.72 5.82 -15.92
N SER A 334 -12.98 6.18 -15.65
CA SER A 334 -13.61 7.31 -16.31
C SER A 334 -13.10 8.66 -15.83
N THR A 335 -12.09 8.68 -14.96
CA THR A 335 -11.66 9.95 -14.36
C THR A 335 -10.14 10.02 -14.31
N VAL A 336 -9.64 11.24 -14.42
CA VAL A 336 -8.24 11.59 -14.21
C VAL A 336 -8.25 12.85 -13.37
N VAL A 337 -7.33 12.93 -12.40
CA VAL A 337 -7.30 13.95 -11.35
C VAL A 337 -8.71 14.40 -10.98
N GLY A 338 -9.63 13.46 -10.84
CA GLY A 338 -10.99 13.76 -10.46
C GLY A 338 -11.82 14.49 -11.49
N LEU A 339 -11.43 14.46 -12.76
CA LEU A 339 -12.18 15.05 -13.85
C LEU A 339 -12.77 13.95 -14.74
N ARG A 340 -13.95 14.21 -15.28
CA ARG A 340 -14.56 13.27 -16.21
C ARG A 340 -13.80 13.31 -17.55
N LYS A 341 -13.12 12.21 -17.89
CA LYS A 341 -12.35 12.15 -19.14
C LYS A 341 -13.18 12.55 -20.35
N ARG A 342 -14.46 12.17 -20.38
CA ARG A 342 -15.30 12.48 -21.53
C ARG A 342 -15.73 13.94 -21.55
N GLU A 343 -15.84 14.57 -20.39
CA GLU A 343 -16.06 16.01 -20.36
C GLU A 343 -14.83 16.75 -20.88
N LEU A 344 -13.63 16.27 -20.52
CA LEU A 344 -12.41 16.83 -21.08
C LEU A 344 -12.40 16.72 -22.60
N LEU A 345 -12.72 15.52 -23.11
CA LEU A 345 -12.85 15.33 -24.55
C LEU A 345 -13.77 16.39 -25.13
N LYS A 346 -15.04 16.38 -24.69
CA LYS A 346 -16.04 17.34 -25.14
C LYS A 346 -15.53 18.78 -25.12
N GLU A 347 -14.67 19.13 -24.17
CA GLU A 347 -14.06 20.46 -24.20
C GLU A 347 -13.05 20.59 -25.34
N LEU A 348 -12.31 19.51 -25.66
CA LEU A 348 -11.33 19.59 -26.75
C LEU A 348 -11.97 19.56 -28.14
N LEU A 349 -13.11 18.92 -28.31
CA LEU A 349 -13.67 18.75 -29.65
C LEU A 349 -13.77 20.02 -30.48
N PRO A 350 -14.18 21.17 -29.94
CA PRO A 350 -14.22 22.36 -30.81
C PRO A 350 -12.85 22.75 -31.33
N VAL A 351 -11.80 22.62 -30.51
CA VAL A 351 -10.45 22.89 -30.99
C VAL A 351 -10.06 21.94 -32.12
N ILE A 352 -10.39 20.65 -31.96
CA ILE A 352 -10.16 19.70 -33.04
C ILE A 352 -10.91 20.13 -34.30
N GLY A 353 -12.13 20.61 -34.14
CA GLY A 353 -12.96 20.94 -35.29
C GLY A 353 -12.46 22.12 -36.11
N GLN A 354 -11.74 23.05 -35.49
CA GLN A 354 -11.30 24.22 -36.25
C GLN A 354 -10.27 23.87 -37.33
N ASN A 355 -9.78 22.64 -37.36
CA ASN A 355 -8.84 22.17 -38.37
C ASN A 355 -9.52 21.11 -39.22
N LEU A 356 -9.68 21.39 -40.52
CA LEU A 356 -10.43 20.50 -41.39
C LEU A 356 -9.78 19.13 -41.50
N ARG A 357 -8.46 19.08 -41.29
CA ARG A 357 -7.73 17.82 -41.36
C ARG A 357 -8.24 16.79 -40.37
N PHE A 358 -8.93 17.22 -39.32
CA PHE A 358 -9.41 16.33 -38.27
C PHE A 358 -10.92 16.23 -38.26
N GLN A 359 -11.55 16.63 -39.36
CA GLN A 359 -13.00 16.67 -39.43
C GLN A 359 -13.61 15.31 -39.11
N ARG A 360 -13.00 14.24 -39.61
CA ARG A 360 -13.52 12.89 -39.34
C ARG A 360 -13.30 12.50 -37.89
N LEU A 361 -12.12 12.79 -37.35
CA LEU A 361 -11.87 12.49 -35.94
C LEU A 361 -12.91 13.22 -35.08
N PHE A 362 -12.98 14.54 -35.23
CA PHE A 362 -14.03 15.34 -34.59
C PHE A 362 -15.38 14.67 -34.72
N THR A 363 -15.70 14.20 -35.93
CA THR A 363 -17.02 13.63 -36.15
C THR A 363 -17.17 12.32 -35.41
N GLU A 364 -16.15 11.45 -35.54
CA GLU A 364 -16.19 10.14 -34.90
C GLU A 364 -16.50 10.29 -33.42
N CYS A 365 -15.62 11.01 -32.70
CA CYS A 365 -15.84 11.28 -31.28
C CYS A 365 -17.26 11.81 -31.04
N GLN A 366 -17.64 12.85 -31.79
CA GLN A 366 -18.94 13.46 -31.56
C GLN A 366 -20.03 12.41 -31.64
N GLU A 367 -19.98 11.59 -32.68
CA GLU A 367 -21.01 10.57 -32.84
C GLU A 367 -20.90 9.54 -31.73
N GLN A 368 -19.68 9.06 -31.46
CA GLN A 368 -19.50 8.10 -30.37
C GLN A 368 -19.87 8.73 -29.03
N LEU A 369 -19.88 10.07 -28.93
CA LEU A 369 -20.37 10.69 -27.71
C LEU A 369 -21.89 10.62 -27.64
N ASP A 370 -22.57 10.90 -28.76
CA ASP A 370 -24.03 10.87 -28.77
C ASP A 370 -24.57 9.48 -28.44
N ILE A 371 -23.97 8.43 -29.03
CA ILE A 371 -24.33 7.06 -28.68
C ILE A 371 -24.15 6.82 -27.18
N LEU A 372 -23.10 7.42 -26.59
CA LEU A 372 -22.90 7.29 -25.15
C LEU A 372 -23.99 8.02 -24.37
N ARG A 373 -24.52 9.12 -24.92
CA ARG A 373 -25.60 9.84 -24.24
C ARG A 373 -26.86 8.99 -24.16
N ASP A 374 -27.10 8.14 -25.17
CA ASP A 374 -28.26 7.26 -25.19
C ASP A 374 -27.96 5.94 -24.48
N LYS A 375 -27.54 6.08 -23.23
CA LYS A 375 -27.15 5.01 -22.30
C LYS A 375 -26.97 3.63 -22.92
N SER B 33 31.62 -1.18 10.20
CA SER B 33 30.85 -0.11 10.86
C SER B 33 29.61 -0.65 11.58
N ALA B 34 29.34 -1.95 11.40
CA ALA B 34 28.19 -2.59 12.00
C ALA B 34 28.32 -2.62 13.52
N PRO B 35 27.20 -2.62 14.25
CA PRO B 35 27.28 -2.76 15.72
C PRO B 35 27.94 -4.07 16.10
N ALA B 36 28.81 -4.00 17.11
CA ALA B 36 29.44 -5.22 17.61
C ALA B 36 28.41 -6.26 18.04
N LEU B 37 27.24 -5.80 18.48
CA LEU B 37 26.22 -6.69 19.00
C LEU B 37 24.87 -6.07 18.71
N ALA B 38 23.92 -6.90 18.28
CA ALA B 38 22.57 -6.46 17.99
C ALA B 38 21.60 -7.56 18.38
N LEU B 39 20.74 -7.30 19.36
CA LEU B 39 19.78 -8.31 19.80
C LEU B 39 18.87 -8.72 18.64
N LYS B 40 18.40 -9.97 18.69
CA LYS B 40 17.50 -10.53 17.68
C LYS B 40 16.42 -11.32 18.38
N LEU B 41 15.36 -11.65 17.62
CA LEU B 41 14.40 -12.62 18.14
C LEU B 41 14.92 -14.03 17.92
N PRO B 42 14.72 -14.94 18.86
CA PRO B 42 15.36 -16.26 18.76
C PRO B 42 14.61 -17.19 17.80
N ILE B 43 15.38 -18.04 17.14
CA ILE B 43 14.86 -18.96 16.13
C ILE B 43 14.65 -20.33 16.78
N PRO B 44 13.46 -20.92 16.65
CA PRO B 44 13.23 -22.24 17.27
C PRO B 44 14.27 -23.26 16.80
N SER B 45 14.70 -24.10 17.74
CA SER B 45 15.68 -25.13 17.42
C SER B 45 15.05 -26.23 16.56
N PRO B 46 15.80 -26.77 15.60
CA PRO B 46 15.35 -28.01 14.94
C PRO B 46 15.14 -29.12 15.95
N GLN B 47 13.98 -29.77 15.88
CA GLN B 47 13.66 -30.94 16.67
C GLN B 47 13.24 -32.07 15.76
N ARG B 48 13.51 -33.31 16.18
CA ARG B 48 13.04 -34.47 15.41
C ARG B 48 11.52 -34.52 15.41
N ALA B 49 10.90 -34.28 16.57
CA ALA B 49 9.46 -34.29 16.67
C ALA B 49 9.06 -33.28 17.73
N PHE B 50 7.84 -32.78 17.61
CA PHE B 50 7.21 -31.98 18.65
C PHE B 50 5.72 -31.97 18.37
N THR B 51 4.94 -31.77 19.43
CA THR B 51 3.51 -31.56 19.30
C THR B 51 3.16 -30.27 20.01
N LEU B 52 2.04 -29.67 19.62
CA LEU B 52 1.72 -28.34 20.08
C LEU B 52 0.22 -28.16 20.09
N GLN B 53 -0.34 -27.82 21.25
CA GLN B 53 -1.77 -27.51 21.32
C GLN B 53 -1.97 -26.12 20.73
N VAL B 54 -2.62 -26.07 19.57
CA VAL B 54 -2.77 -24.81 18.83
C VAL B 54 -4.18 -24.26 18.93
N SER B 55 -5.14 -25.04 19.41
CA SER B 55 -6.53 -24.62 19.45
C SER B 55 -7.04 -24.61 20.88
N SER B 56 -8.07 -23.82 21.12
CA SER B 56 -8.68 -23.72 22.44
C SER B 56 -10.12 -24.18 22.40
N ASP B 57 -11.02 -23.32 21.89
CA ASP B 57 -12.46 -23.56 21.82
C ASP B 57 -12.69 -24.87 21.08
N PRO B 58 -12.55 -24.89 19.77
CA PRO B 58 -12.24 -26.16 19.10
C PRO B 58 -10.79 -26.52 19.44
N SER B 59 -10.60 -27.31 20.50
CA SER B 59 -9.26 -27.74 20.89
C SER B 59 -8.59 -28.46 19.72
N MET B 60 -7.34 -28.08 19.46
CA MET B 60 -6.63 -28.50 18.26
C MET B 60 -5.18 -28.78 18.61
N TYR B 61 -4.71 -29.97 18.29
CA TYR B 61 -3.33 -30.38 18.52
C TYR B 61 -2.63 -30.56 17.18
N ILE B 62 -1.36 -30.19 17.13
CA ILE B 62 -0.56 -30.25 15.92
C ILE B 62 0.66 -31.09 16.22
N GLU B 63 0.94 -32.08 15.38
CA GLU B 63 2.13 -32.90 15.54
C GLU B 63 3.03 -32.74 14.33
N VAL B 64 4.33 -32.76 14.56
CA VAL B 64 5.32 -32.56 13.54
C VAL B 64 6.39 -33.62 13.72
N GLU B 65 6.73 -34.33 12.64
CA GLU B 65 7.85 -35.26 12.68
C GLU B 65 8.74 -34.95 11.49
N ASN B 66 9.98 -34.60 11.76
CA ASN B 66 10.80 -34.01 10.72
C ASN B 66 11.69 -35.06 10.08
N GLU B 67 11.83 -34.98 8.77
CA GLU B 67 12.69 -35.87 8.00
C GLU B 67 12.45 -37.33 8.36
N VAL B 68 11.20 -37.78 8.17
CA VAL B 68 10.83 -39.14 8.50
C VAL B 68 10.93 -40.12 7.32
N THR B 69 11.05 -39.63 6.08
CA THR B 69 11.24 -40.52 4.95
C THR B 69 11.82 -39.72 3.78
N VAL B 70 12.28 -40.46 2.78
CA VAL B 70 12.79 -39.88 1.55
C VAL B 70 11.99 -40.42 0.37
N VAL B 71 11.63 -39.53 -0.56
CA VAL B 71 11.03 -39.94 -1.82
C VAL B 71 11.73 -39.17 -2.92
N GLY B 72 12.30 -39.89 -3.88
CA GLY B 72 13.03 -39.24 -4.97
C GLY B 72 14.15 -38.33 -4.50
N GLY B 73 14.91 -38.76 -3.50
CA GLY B 73 15.95 -37.93 -2.92
C GLY B 73 15.43 -36.82 -2.03
N VAL B 74 14.14 -36.52 -2.07
CA VAL B 74 13.54 -35.41 -1.31
C VAL B 74 13.18 -35.91 0.10
N LYS B 75 13.83 -35.35 1.10
CA LYS B 75 13.50 -35.61 2.50
C LYS B 75 12.19 -34.93 2.88
N LEU B 76 11.28 -35.69 3.49
CA LEU B 76 9.95 -35.19 3.85
C LEU B 76 9.80 -35.08 5.36
N SER B 77 9.06 -34.07 5.77
CA SER B 77 8.62 -33.91 7.14
C SER B 77 7.11 -33.98 7.15
N ARG B 78 6.55 -34.51 8.22
CA ARG B 78 5.11 -34.69 8.35
C ARG B 78 4.53 -33.62 9.25
N LEU B 79 3.35 -33.16 8.86
CA LEU B 79 2.51 -32.29 9.66
C LEU B 79 1.16 -32.99 9.84
N LYS B 80 0.76 -33.19 11.09
CA LYS B 80 -0.50 -33.81 11.48
C LYS B 80 -1.32 -32.81 12.29
N CYS B 81 -2.64 -32.87 12.12
CA CYS B 81 -3.55 -31.98 12.81
C CYS B 81 -4.74 -32.79 13.35
N ASN B 82 -5.04 -32.59 14.63
CA ASN B 82 -6.15 -33.24 15.33
C ASN B 82 -7.11 -32.17 15.81
N ARG B 83 -8.35 -32.23 15.31
CA ARG B 83 -9.43 -31.33 15.72
C ARG B 83 -10.67 -32.18 15.98
N GLU B 84 -11.08 -32.23 17.26
CA GLU B 84 -12.27 -32.98 17.68
C GLU B 84 -12.22 -34.44 17.25
N GLY B 85 -11.06 -35.08 17.40
CA GLY B 85 -10.91 -36.45 17.00
C GLY B 85 -10.78 -36.69 15.50
N LYS B 86 -11.11 -35.70 14.66
CA LYS B 86 -10.79 -35.80 13.24
C LYS B 86 -9.33 -35.42 13.01
N GLU B 87 -8.70 -36.08 12.03
CA GLU B 87 -7.25 -35.99 11.86
C GLU B 87 -6.93 -35.81 10.38
N TRP B 88 -6.18 -34.77 10.04
CA TRP B 88 -5.61 -34.70 8.70
C TRP B 88 -4.09 -34.66 8.77
N GLU B 89 -3.43 -34.90 7.64
CA GLU B 89 -1.98 -34.78 7.62
C GLU B 89 -1.51 -34.41 6.22
N THR B 90 -0.22 -34.11 6.12
CA THR B 90 0.38 -33.63 4.88
C THR B 90 1.89 -33.72 5.09
N VAL B 91 2.63 -33.52 4.00
CA VAL B 91 4.09 -33.52 4.04
C VAL B 91 4.62 -32.20 3.50
N LEU B 92 5.81 -31.85 3.98
CA LEU B 92 6.56 -30.69 3.53
C LEU B 92 7.96 -31.16 3.18
N THR B 93 8.67 -30.38 2.38
CA THR B 93 10.00 -30.77 1.92
C THR B 93 11.12 -30.13 2.72
N SER B 94 10.82 -29.48 3.85
CA SER B 94 11.86 -28.98 4.75
C SER B 94 11.39 -29.13 6.19
N ARG B 95 12.35 -29.07 7.11
CA ARG B 95 12.03 -29.25 8.52
C ARG B 95 11.10 -28.14 9.03
N ILE B 96 10.06 -28.54 9.73
CA ILE B 96 9.16 -27.60 10.39
C ILE B 96 9.76 -27.17 11.72
N LEU B 97 9.93 -25.86 11.90
CA LEU B 97 10.50 -25.25 13.09
C LEU B 97 9.43 -24.86 14.11
N THR B 98 8.35 -24.24 13.66
CA THR B 98 7.27 -23.97 14.62
C THR B 98 5.96 -23.98 13.86
N ALA B 99 4.87 -23.79 14.59
CA ALA B 99 3.55 -23.90 13.98
C ALA B 99 2.55 -23.11 14.82
N ALA B 100 1.43 -22.76 14.19
CA ALA B 100 0.31 -22.10 14.88
C ALA B 100 -0.95 -22.45 14.12
N GLY B 101 -2.10 -22.13 14.71
CA GLY B 101 -3.36 -22.49 14.09
C GLY B 101 -4.55 -21.87 14.79
N SER B 102 -5.64 -21.77 14.04
CA SER B 102 -6.88 -21.21 14.56
C SER B 102 -8.03 -22.13 14.16
N CYS B 103 -9.26 -21.66 14.32
CA CYS B 103 -10.39 -22.42 13.78
C CYS B 103 -10.38 -22.47 12.25
N ASP B 104 -9.57 -21.64 11.59
CA ASP B 104 -9.63 -21.50 10.15
C ASP B 104 -8.38 -21.99 9.45
N VAL B 105 -7.20 -21.81 10.04
CA VAL B 105 -5.97 -22.14 9.35
C VAL B 105 -5.04 -22.87 10.31
N VAL B 106 -4.07 -23.56 9.72
CA VAL B 106 -2.91 -24.07 10.41
C VAL B 106 -1.73 -23.62 9.59
N CYS B 107 -0.73 -23.05 10.21
CA CYS B 107 0.43 -22.66 9.43
C CYS B 107 1.68 -23.14 10.10
N VAL B 108 2.72 -23.36 9.30
CA VAL B 108 3.99 -23.88 9.77
C VAL B 108 5.09 -23.01 9.20
N ALA B 109 6.12 -22.81 10.00
CA ALA B 109 7.33 -22.16 9.52
C ALA B 109 8.46 -23.17 9.55
N CYS B 110 9.23 -23.17 8.46
CA CYS B 110 10.22 -24.16 8.10
C CYS B 110 11.55 -23.48 7.85
N GLU B 111 12.61 -24.26 8.03
CA GLU B 111 13.97 -23.87 7.64
C GLU B 111 13.98 -23.39 6.20
N LYS B 112 15.01 -22.62 5.83
CA LYS B 112 15.04 -21.91 4.55
C LYS B 112 13.96 -20.85 4.48
N ARG B 113 13.54 -20.38 5.68
CA ARG B 113 12.73 -19.17 5.86
C ARG B 113 11.40 -19.25 5.14
N MET B 114 10.77 -20.44 5.18
CA MET B 114 9.54 -20.65 4.42
C MET B 114 8.38 -20.76 5.37
N LEU B 115 7.24 -20.23 4.96
CA LEU B 115 6.02 -20.30 5.74
C LEU B 115 4.92 -20.88 4.87
N SER B 116 4.24 -21.92 5.35
CA SER B 116 3.17 -22.55 4.59
C SER B 116 1.87 -22.50 5.38
N VAL B 117 0.78 -22.30 4.66
CA VAL B 117 -0.52 -22.07 5.27
C VAL B 117 -1.51 -23.10 4.71
N PHE B 118 -2.19 -23.81 5.61
CA PHE B 118 -3.08 -24.92 5.32
C PHE B 118 -4.48 -24.63 5.86
N SER B 119 -5.48 -25.15 5.14
CA SER B 119 -6.86 -24.98 5.55
C SER B 119 -7.16 -25.82 6.79
N THR B 120 -8.37 -25.62 7.31
CA THR B 120 -8.76 -26.31 8.52
C THR B 120 -8.82 -27.82 8.33
N CYS B 121 -9.11 -28.28 7.11
CA CYS B 121 -9.06 -29.71 6.82
C CYS B 121 -7.88 -30.09 5.92
N GLY B 122 -6.80 -29.29 5.93
CA GLY B 122 -5.49 -29.76 5.55
C GLY B 122 -4.99 -29.39 4.18
N ARG B 123 -5.71 -28.58 3.44
CA ARG B 123 -5.29 -28.23 2.08
C ARG B 123 -4.34 -27.04 2.13
N ARG B 124 -3.24 -27.12 1.39
CA ARG B 124 -2.37 -25.96 1.23
C ARG B 124 -3.12 -24.85 0.54
N LEU B 125 -3.16 -23.67 1.17
CA LEU B 125 -3.93 -22.57 0.62
C LEU B 125 -3.13 -21.64 -0.28
N LEU B 126 -1.83 -21.50 -0.05
CA LEU B 126 -0.98 -20.59 -0.80
C LEU B 126 0.38 -21.23 -0.97
N SER B 127 1.10 -20.76 -1.98
CA SER B 127 2.49 -21.13 -2.16
C SER B 127 3.33 -20.82 -0.93
N PRO B 128 4.43 -21.53 -0.70
CA PRO B 128 5.27 -21.20 0.45
C PRO B 128 5.77 -19.77 0.32
N ILE B 129 5.65 -19.03 1.42
CA ILE B 129 6.02 -17.62 1.49
C ILE B 129 7.46 -17.51 1.96
N LEU B 130 8.30 -16.81 1.20
CA LEU B 130 9.67 -16.57 1.62
C LEU B 130 9.69 -15.42 2.61
N LEU B 131 10.15 -15.70 3.81
CA LEU B 131 10.24 -14.67 4.82
C LEU B 131 11.57 -13.95 4.70
N PRO B 132 11.62 -12.66 5.08
CA PRO B 132 12.88 -11.91 4.93
C PRO B 132 13.99 -12.40 5.84
N SER B 133 13.67 -13.12 6.92
CA SER B 133 14.65 -13.69 7.82
C SER B 133 13.99 -14.88 8.51
N PRO B 134 14.75 -15.69 9.27
CA PRO B 134 14.13 -16.90 9.87
C PRO B 134 13.01 -16.56 10.83
N ILE B 135 12.04 -17.46 10.90
CA ILE B 135 10.93 -17.32 11.82
C ILE B 135 11.43 -17.27 13.27
N SER B 136 10.67 -16.56 14.11
CA SER B 136 10.79 -16.67 15.55
C SER B 136 9.49 -17.18 16.17
N THR B 137 8.36 -16.52 15.93
CA THR B 137 7.08 -17.00 16.41
C THR B 137 5.99 -16.78 15.37
N LEU B 138 4.95 -17.60 15.50
CA LEU B 138 3.75 -17.55 14.68
C LEU B 138 2.54 -17.39 15.58
N HIS B 139 1.56 -16.65 15.09
CA HIS B 139 0.24 -16.56 15.71
C HIS B 139 -0.81 -16.63 14.62
N CYS B 140 -1.99 -17.18 14.97
CA CYS B 140 -3.17 -17.08 14.12
C CYS B 140 -4.39 -16.68 14.95
N THR B 141 -5.24 -15.87 14.32
CA THR B 141 -6.55 -15.53 14.82
C THR B 141 -7.45 -15.57 13.61
N GLY B 142 -8.41 -16.48 13.60
CA GLY B 142 -9.20 -16.62 12.39
C GLY B 142 -8.31 -16.87 11.20
N SER B 143 -8.50 -16.09 10.14
CA SER B 143 -7.74 -16.24 8.92
C SER B 143 -6.52 -15.32 8.86
N TYR B 144 -6.15 -14.71 9.98
CA TYR B 144 -4.98 -13.85 10.05
C TYR B 144 -3.79 -14.64 10.55
N VAL B 145 -2.68 -14.56 9.81
CA VAL B 145 -1.44 -15.21 10.16
C VAL B 145 -0.41 -14.14 10.39
N MET B 146 0.27 -14.20 11.52
CA MET B 146 1.28 -13.23 11.91
C MET B 146 2.61 -13.95 12.09
N ALA B 147 3.65 -13.44 11.44
CA ALA B 147 5.00 -13.96 11.59
C ALA B 147 5.90 -12.88 12.16
N LEU B 148 6.59 -13.20 13.26
CA LEU B 148 7.65 -12.37 13.83
C LEU B 148 8.98 -13.04 13.55
N THR B 149 9.88 -12.32 12.88
CA THR B 149 11.12 -12.91 12.40
C THR B 149 12.31 -12.56 13.30
N ALA B 150 13.40 -13.30 13.10
CA ALA B 150 14.62 -13.07 13.87
C ALA B 150 15.07 -11.63 13.78
N ALA B 151 14.96 -11.04 12.59
CA ALA B 151 15.37 -9.66 12.42
C ALA B 151 14.44 -8.69 13.18
N ALA B 152 13.41 -9.21 13.84
CA ALA B 152 12.41 -8.44 14.54
C ALA B 152 11.54 -7.61 13.58
N THR B 153 11.13 -8.22 12.48
CA THR B 153 10.04 -7.72 11.66
C THR B 153 8.78 -8.51 11.93
N LEU B 154 7.65 -7.88 11.64
CA LEU B 154 6.34 -8.43 11.94
C LEU B 154 5.51 -8.36 10.67
N SER B 155 4.83 -9.45 10.35
CA SER B 155 3.96 -9.49 9.17
C SER B 155 2.62 -10.09 9.54
N VAL B 156 1.58 -9.60 8.90
CA VAL B 156 0.24 -10.13 9.08
C VAL B 156 -0.38 -10.26 7.71
N TRP B 157 -0.93 -11.44 7.44
CA TRP B 157 -1.65 -11.69 6.20
C TRP B 157 -3.04 -12.15 6.53
N ASP B 158 -3.99 -11.67 5.73
CA ASP B 158 -5.34 -12.19 5.71
C ASP B 158 -5.33 -13.32 4.68
N VAL B 159 -5.23 -14.57 5.14
CA VAL B 159 -5.12 -15.63 4.13
C VAL B 159 -6.46 -15.89 3.47
N HIS B 160 -7.57 -15.52 4.11
CA HIS B 160 -8.86 -15.65 3.45
C HIS B 160 -8.97 -14.72 2.25
N ARG B 161 -8.69 -13.43 2.46
CA ARG B 161 -8.67 -12.50 1.33
C ARG B 161 -7.38 -12.60 0.52
N GLN B 162 -6.34 -13.23 1.07
CA GLN B 162 -5.03 -13.34 0.41
C GLN B 162 -4.41 -11.97 0.16
N VAL B 163 -4.52 -11.08 1.14
CA VAL B 163 -3.89 -9.78 1.03
C VAL B 163 -3.02 -9.60 2.26
N VAL B 164 -1.92 -8.84 2.11
CA VAL B 164 -1.10 -8.51 3.26
C VAL B 164 -1.85 -7.51 4.12
N VAL B 165 -1.78 -7.68 5.44
CA VAL B 165 -2.32 -6.69 6.37
C VAL B 165 -1.23 -5.80 6.92
N VAL B 166 -0.15 -6.41 7.40
CA VAL B 166 1.00 -5.68 7.89
C VAL B 166 2.23 -6.21 7.17
N LYS B 167 2.97 -5.32 6.52
CA LYS B 167 4.10 -5.67 5.67
C LYS B 167 5.41 -5.41 6.38
N GLU B 168 5.98 -6.45 6.99
CA GLU B 168 7.36 -6.46 7.53
C GLU B 168 7.72 -5.19 8.31
N GLU B 169 6.92 -4.89 9.34
CA GLU B 169 7.18 -3.71 10.17
C GLU B 169 8.25 -4.05 11.19
N SER B 170 9.31 -3.24 11.23
CA SER B 170 10.30 -3.41 12.28
C SER B 170 9.67 -3.18 13.65
N LEU B 171 10.06 -4.02 14.61
CA LEU B 171 9.72 -3.83 16.01
C LEU B 171 10.75 -2.99 16.75
N HIS B 172 11.71 -2.41 16.04
CA HIS B 172 12.81 -1.69 16.67
C HIS B 172 12.32 -0.46 17.43
N SER B 173 11.38 0.28 16.83
CA SER B 173 10.84 1.48 17.46
C SER B 173 10.24 1.16 18.82
N ILE B 174 9.48 0.07 18.92
CA ILE B 174 8.83 -0.33 20.14
C ILE B 174 9.82 -0.87 21.16
N LEU B 175 10.86 -1.54 20.69
CA LEU B 175 11.76 -2.26 21.58
C LEU B 175 12.88 -1.39 22.10
N ALA B 176 13.29 -0.37 21.35
CA ALA B 176 14.35 0.51 21.82
C ALA B 176 13.90 1.26 23.06
N GLY B 177 14.75 1.23 24.09
CA GLY B 177 14.43 1.78 25.40
C GLY B 177 13.66 0.85 26.32
N SER B 178 13.14 -0.26 25.82
CA SER B 178 12.40 -1.22 26.63
C SER B 178 13.39 -2.03 27.48
N ASP B 179 12.89 -3.05 28.16
CA ASP B 179 13.75 -3.99 28.87
C ASP B 179 14.05 -5.26 28.06
N MET B 180 14.07 -5.15 26.73
CA MET B 180 14.30 -6.22 25.77
C MET B 180 13.18 -7.25 25.71
N THR B 181 12.00 -7.01 26.30
CA THR B 181 10.96 -8.02 26.29
C THR B 181 9.64 -7.39 25.88
N VAL B 182 8.69 -8.28 25.60
CA VAL B 182 7.30 -7.92 25.33
C VAL B 182 6.46 -8.91 26.13
N SER B 183 5.70 -8.39 27.10
CA SER B 183 5.02 -9.25 28.07
C SER B 183 3.90 -10.03 27.40
N GLN B 184 3.10 -9.35 26.57
CA GLN B 184 2.03 -10.06 25.86
C GLN B 184 1.96 -9.58 24.42
N ILE B 185 1.50 -10.49 23.57
CA ILE B 185 1.31 -10.24 22.14
C ILE B 185 -0.09 -10.71 21.77
N LEU B 186 -0.91 -9.79 21.26
CA LEU B 186 -2.22 -10.14 20.75
C LEU B 186 -2.27 -9.97 19.23
N LEU B 187 -3.04 -10.83 18.60
CA LEU B 187 -3.47 -10.63 17.23
C LEU B 187 -5.00 -10.62 17.25
N THR B 188 -5.60 -9.45 17.07
CA THR B 188 -7.04 -9.32 17.24
C THR B 188 -7.78 -9.96 16.06
N GLN B 189 -9.09 -10.08 16.23
CA GLN B 189 -9.98 -10.69 15.24
C GLN B 189 -10.05 -9.89 13.95
N HIS B 190 -9.44 -8.71 13.88
CA HIS B 190 -9.27 -8.02 12.61
C HIS B 190 -7.82 -7.97 12.18
N GLY B 191 -6.95 -8.78 12.79
CA GLY B 191 -5.60 -8.93 12.30
C GLY B 191 -4.70 -7.78 12.69
N ILE B 192 -5.00 -7.11 13.79
CA ILE B 192 -4.21 -6.01 14.31
C ILE B 192 -3.26 -6.56 15.36
N PRO B 193 -1.95 -6.32 15.24
CA PRO B 193 -1.03 -6.75 16.30
C PRO B 193 -0.91 -5.72 17.41
N VAL B 194 -0.90 -6.24 18.63
CA VAL B 194 -0.77 -5.47 19.85
C VAL B 194 0.40 -6.03 20.65
N MET B 195 1.29 -5.14 21.09
CA MET B 195 2.45 -5.44 21.91
C MET B 195 2.25 -4.75 23.26
N ASN B 196 2.05 -5.56 24.31
CA ASN B 196 1.93 -5.07 25.67
C ASN B 196 3.30 -5.23 26.34
N LEU B 197 3.96 -4.10 26.60
CA LEU B 197 5.28 -4.02 27.19
C LEU B 197 5.21 -4.02 28.73
N SER B 198 6.31 -4.43 29.35
CA SER B 198 6.36 -4.54 30.79
C SER B 198 6.29 -3.18 31.49
N ASP B 199 6.66 -2.10 30.82
CA ASP B 199 6.54 -0.77 31.42
C ASP B 199 5.10 -0.24 31.43
N GLY B 200 4.11 -1.05 31.07
CA GLY B 200 2.74 -0.59 31.01
C GLY B 200 2.29 -0.05 29.67
N LYS B 201 3.21 0.20 28.75
CA LYS B 201 2.82 0.73 27.44
C LYS B 201 2.43 -0.40 26.50
N ALA B 202 1.36 -0.15 25.75
CA ALA B 202 0.90 -1.05 24.71
C ALA B 202 0.84 -0.29 23.37
N TYR B 203 1.42 -0.90 22.35
CA TYR B 203 1.42 -0.34 21.00
C TYR B 203 0.70 -1.32 20.09
N CYS B 204 -0.18 -0.81 19.27
CA CYS B 204 -0.77 -1.64 18.25
C CYS B 204 -0.40 -1.06 16.90
N PHE B 205 -0.39 -1.90 15.87
CA PHE B 205 -0.09 -1.43 14.52
C PHE B 205 -1.40 -1.22 13.77
N ASN B 206 -1.63 -0.01 13.29
CA ASN B 206 -2.82 0.26 12.53
C ASN B 206 -2.51 0.05 11.05
N PRO B 207 -3.23 -0.82 10.35
CA PRO B 207 -2.85 -1.10 8.96
C PRO B 207 -3.17 0.04 8.01
N SER B 208 -4.26 0.77 8.25
CA SER B 208 -4.60 1.89 7.38
C SER B 208 -3.67 3.08 7.59
N LEU B 209 -3.43 3.47 8.85
CA LEU B 209 -2.49 4.56 9.06
C LEU B 209 -1.07 4.10 8.79
N SER B 210 -0.80 2.79 8.95
CA SER B 210 0.52 2.20 8.77
C SER B 210 1.48 2.69 9.84
N THR B 211 1.00 2.68 11.09
CA THR B 211 1.70 3.27 12.22
C THR B 211 1.66 2.33 13.41
N TRP B 212 2.73 2.37 14.19
CA TRP B 212 2.63 2.00 15.59
C TRP B 212 1.90 3.10 16.35
N ASN B 213 0.88 2.71 17.10
CA ASN B 213 0.06 3.63 17.88
C ASN B 213 0.04 3.23 19.34
N LEU B 214 0.28 4.20 20.22
CA LEU B 214 0.17 4.03 21.66
C LEU B 214 -1.30 4.04 22.06
N VAL B 215 -1.83 2.88 22.45
CA VAL B 215 -3.23 2.75 22.81
C VAL B 215 -3.42 2.55 24.29
N SER B 216 -2.35 2.48 25.06
CA SER B 216 -2.44 2.28 26.50
C SER B 216 -1.08 2.55 27.11
N ASP B 217 -1.11 3.05 28.35
CA ASP B 217 0.12 3.47 29.04
C ASP B 217 -0.22 3.60 30.53
N LYS B 218 0.02 2.54 31.30
CA LYS B 218 -0.41 2.51 32.69
C LYS B 218 0.26 3.60 33.54
N GLN B 219 1.54 3.86 33.30
CA GLN B 219 2.27 4.88 34.07
C GLN B 219 1.70 6.28 33.84
N ASP B 220 1.59 6.71 32.58
CA ASP B 220 1.06 8.04 32.26
C ASP B 220 -0.44 8.05 32.08
N SER B 221 -1.14 7.07 32.64
CA SER B 221 -2.60 7.02 32.52
C SER B 221 -3.26 8.18 33.26
N LEU B 222 -4.19 8.85 32.58
CA LEU B 222 -5.06 9.85 33.17
C LEU B 222 -6.34 9.25 33.73
N ALA B 223 -6.45 7.91 33.71
CA ALA B 223 -7.71 7.26 34.08
C ALA B 223 -8.06 7.47 35.55
N GLN B 224 -7.06 7.44 36.44
CA GLN B 224 -7.39 7.53 37.87
C GLN B 224 -7.95 8.90 38.26
N CYS B 225 -7.61 9.94 37.51
CA CYS B 225 -8.10 11.27 37.82
CA CYS B 225 -8.07 11.30 37.79
C CYS B 225 -9.23 11.72 36.92
N ALA B 226 -9.62 10.90 35.94
CA ALA B 226 -10.76 11.23 35.09
C ALA B 226 -12.05 11.11 35.87
N ASP B 227 -12.88 12.15 35.80
CA ASP B 227 -14.14 12.24 36.53
C ASP B 227 -15.27 12.37 35.52
N PHE B 228 -16.03 11.29 35.33
CA PHE B 228 -17.10 11.26 34.35
C PHE B 228 -18.09 10.19 34.79
N ARG B 229 -19.24 10.16 34.12
CA ARG B 229 -20.31 9.20 34.42
C ARG B 229 -20.36 8.06 33.40
N SER B 241 -14.14 -7.84 27.84
CA SER B 241 -13.99 -8.90 26.85
C SER B 241 -13.37 -8.34 25.56
N GLY B 242 -13.57 -7.04 25.32
CA GLY B 242 -12.99 -6.36 24.18
C GLY B 242 -11.47 -6.27 24.24
N PRO B 243 -10.84 -5.97 23.10
CA PRO B 243 -9.38 -5.85 23.09
C PRO B 243 -8.88 -4.78 24.05
N LEU B 244 -9.23 -3.50 23.85
CA LEU B 244 -8.77 -2.39 24.69
C LEU B 244 -8.92 -2.70 26.18
N ALA B 245 -10.08 -3.26 26.55
CA ALA B 245 -10.26 -3.69 27.93
C ALA B 245 -9.19 -4.69 28.33
N ILE B 246 -8.85 -5.64 27.44
CA ILE B 246 -7.81 -6.61 27.79
C ILE B 246 -6.45 -5.94 27.92
N ILE B 247 -6.08 -5.10 26.94
CA ILE B 247 -4.77 -4.45 26.93
C ILE B 247 -4.56 -3.59 28.17
N GLN B 248 -5.58 -2.84 28.56
CA GLN B 248 -5.52 -2.11 29.81
C GLN B 248 -5.89 -3.04 30.96
N GLY B 249 -5.59 -2.61 32.17
CA GLY B 249 -5.82 -3.53 33.28
C GLY B 249 -7.27 -3.55 33.74
N ARG B 250 -8.19 -3.15 32.85
CA ARG B 250 -9.52 -2.66 33.24
C ARG B 250 -10.61 -3.60 32.74
N THR B 251 -10.82 -4.72 33.45
CA THR B 251 -12.03 -5.53 33.30
C THR B 251 -12.41 -6.18 34.63
N SER B 252 -11.53 -6.07 35.64
CA SER B 252 -11.73 -6.72 36.93
C SER B 252 -12.93 -6.13 37.69
N ALA B 258 -14.07 8.07 40.91
CA ALA B 258 -12.84 8.87 40.98
C ALA B 258 -13.00 10.09 41.87
N ALA B 259 -11.92 10.46 42.54
CA ALA B 259 -11.92 11.52 43.53
C ALA B 259 -11.86 12.90 42.88
N ARG B 260 -12.34 13.89 43.61
CA ARG B 260 -12.10 15.27 43.22
C ARG B 260 -10.66 15.64 43.55
N LEU B 261 -10.04 16.44 42.68
CA LEU B 261 -8.66 16.84 42.89
C LEU B 261 -8.59 18.01 43.85
N PHE B 262 -7.77 17.88 44.89
CA PHE B 262 -7.52 18.95 45.85
C PHE B 262 -6.41 19.88 45.41
N SER B 263 -5.48 19.40 44.61
CA SER B 263 -4.25 20.11 44.27
C SER B 263 -4.38 21.00 43.05
N VAL B 264 -5.44 20.86 42.25
CA VAL B 264 -5.60 21.65 41.03
C VAL B 264 -7.03 22.12 40.90
N PRO B 265 -7.24 23.25 40.23
CA PRO B 265 -8.60 23.73 39.98
C PRO B 265 -9.37 22.79 39.07
N HIS B 266 -10.70 22.87 39.20
CA HIS B 266 -11.60 21.97 38.51
C HIS B 266 -11.35 21.87 37.01
N VAL B 267 -10.94 22.99 36.39
CA VAL B 267 -10.75 22.99 34.94
C VAL B 267 -9.68 21.98 34.53
N VAL B 268 -8.64 21.81 35.36
CA VAL B 268 -7.58 20.86 35.04
C VAL B 268 -8.12 19.44 35.07
N GLN B 269 -9.03 19.13 36.00
CA GLN B 269 -9.60 17.79 36.02
C GLN B 269 -10.55 17.59 34.85
N GLN B 270 -11.25 18.64 34.42
CA GLN B 270 -12.01 18.51 33.18
C GLN B 270 -11.09 18.24 32.00
N GLU B 271 -9.94 18.90 31.93
CA GLU B 271 -9.12 18.73 30.74
C GLU B 271 -8.47 17.36 30.74
N THR B 272 -8.08 16.86 31.92
CA THR B 272 -7.58 15.49 31.98
C THR B 272 -8.67 14.49 31.65
N THR B 273 -9.89 14.75 32.11
CA THR B 273 -10.99 13.84 31.81
C THR B 273 -11.29 13.80 30.31
N LEU B 274 -11.29 14.98 29.67
CA LEU B 274 -11.49 15.05 28.22
C LEU B 274 -10.38 14.31 27.48
N ALA B 275 -9.12 14.59 27.84
CA ALA B 275 -7.99 13.94 27.19
C ALA B 275 -8.07 12.42 27.35
N TYR B 276 -8.39 11.96 28.54
CA TYR B 276 -8.55 10.54 28.79
C TYR B 276 -9.62 9.92 27.90
N LEU B 277 -10.82 10.52 27.89
CA LEU B 277 -11.91 9.90 27.14
C LEU B 277 -11.66 9.95 25.64
N GLU B 278 -11.01 11.02 25.15
CA GLU B 278 -10.62 11.08 23.75
C GLU B 278 -9.57 10.00 23.44
N ASN B 279 -8.63 9.79 24.35
CA ASN B 279 -7.66 8.71 24.23
C ASN B 279 -8.35 7.35 24.11
N GLN B 280 -9.35 7.10 24.97
CA GLN B 280 -10.09 5.84 24.92
C GLN B 280 -10.80 5.65 23.59
N VAL B 281 -11.50 6.70 23.13
CA VAL B 281 -12.23 6.62 21.86
C VAL B 281 -11.24 6.34 20.72
N ALA B 282 -10.17 7.12 20.66
CA ALA B 282 -9.17 6.95 19.62
C ALA B 282 -8.53 5.55 19.69
N ALA B 283 -8.27 5.06 20.90
CA ALA B 283 -7.64 3.78 21.05
C ALA B 283 -8.55 2.69 20.54
N ALA B 284 -9.85 2.83 20.81
CA ALA B 284 -10.80 1.82 20.34
C ALA B 284 -10.90 1.84 18.82
N LEU B 285 -10.92 3.04 18.23
CA LEU B 285 -10.89 3.17 16.76
C LEU B 285 -9.62 2.55 16.16
N THR B 286 -8.46 2.88 16.71
CA THR B 286 -7.18 2.32 16.26
C THR B 286 -7.17 0.80 16.30
N LEU B 287 -7.71 0.22 17.37
CA LEU B 287 -7.86 -1.22 17.51
C LEU B 287 -8.97 -1.78 16.63
N GLN B 288 -9.77 -0.92 15.99
CA GLN B 288 -10.93 -1.35 15.22
C GLN B 288 -11.83 -2.27 16.06
N SER B 289 -12.01 -1.91 17.32
CA SER B 289 -12.85 -2.68 18.26
C SER B 289 -14.20 -1.99 18.36
N SER B 290 -15.19 -2.52 17.64
CA SER B 290 -16.42 -1.78 17.36
C SER B 290 -17.27 -1.58 18.62
N HIS B 291 -17.52 -2.65 19.37
CA HIS B 291 -18.32 -2.50 20.56
C HIS B 291 -17.67 -1.51 21.54
N GLU B 292 -16.34 -1.57 21.67
CA GLU B 292 -15.65 -0.67 22.59
C GLU B 292 -15.61 0.75 22.05
N TYR B 293 -15.49 0.90 20.73
CA TYR B 293 -15.57 2.23 20.14
C TYR B 293 -16.92 2.87 20.43
N ARG B 294 -18.00 2.14 20.16
CA ARG B 294 -19.34 2.68 20.42
C ARG B 294 -19.51 3.02 21.90
N HIS B 295 -19.05 2.14 22.79
CA HIS B 295 -19.17 2.39 24.22
C HIS B 295 -18.46 3.69 24.61
N TRP B 296 -17.18 3.82 24.25
CA TRP B 296 -16.43 4.99 24.68
C TRP B 296 -16.89 6.26 23.98
N LEU B 297 -17.34 6.17 22.72
CA LEU B 297 -17.91 7.34 22.07
C LEU B 297 -19.14 7.81 22.83
N LEU B 298 -19.93 6.87 23.35
CA LEU B 298 -21.16 7.26 24.03
C LEU B 298 -20.89 7.86 25.41
N VAL B 299 -19.91 7.31 26.15
CA VAL B 299 -19.47 7.96 27.38
C VAL B 299 -18.94 9.36 27.09
N TYR B 300 -18.12 9.48 26.05
CA TYR B 300 -17.49 10.76 25.73
C TYR B 300 -18.54 11.81 25.37
N ALA B 301 -19.53 11.42 24.59
CA ALA B 301 -20.59 12.37 24.23
C ALA B 301 -21.39 12.77 25.46
N ARG B 302 -21.71 11.80 26.33
CA ARG B 302 -22.39 12.15 27.58
C ARG B 302 -21.58 13.17 28.37
N TYR B 303 -20.26 13.01 28.42
CA TYR B 303 -19.42 13.96 29.13
C TYR B 303 -19.49 15.33 28.48
N LEU B 304 -19.30 15.40 27.16
CA LEU B 304 -19.36 16.68 26.46
C LEU B 304 -20.68 17.39 26.74
N VAL B 305 -21.77 16.65 26.83
CA VAL B 305 -23.06 17.24 27.14
C VAL B 305 -23.08 17.74 28.59
N ASN B 306 -22.64 16.89 29.54
CA ASN B 306 -22.72 17.24 30.96
C ASN B 306 -21.95 18.51 31.27
N GLU B 307 -20.71 18.62 30.80
CA GLU B 307 -19.86 19.77 31.06
C GLU B 307 -20.05 20.91 30.08
N GLY B 308 -20.90 20.72 29.07
CA GLY B 308 -21.20 21.75 28.10
C GLY B 308 -20.08 22.06 27.12
N PHE B 309 -19.45 21.05 26.54
CA PHE B 309 -18.40 21.25 25.55
C PHE B 309 -19.05 21.41 24.17
N GLU B 310 -19.40 22.65 23.86
CA GLU B 310 -20.24 22.99 22.71
C GLU B 310 -19.56 22.61 21.38
N TYR B 311 -18.37 23.15 21.16
CA TYR B 311 -17.73 23.02 19.85
C TYR B 311 -17.31 21.59 19.57
N ARG B 312 -16.85 20.88 20.60
CA ARG B 312 -16.45 19.48 20.44
C ARG B 312 -17.64 18.62 20.06
N LEU B 313 -18.78 18.79 20.73
CA LEU B 313 -19.91 17.93 20.40
C LEU B 313 -20.56 18.35 19.08
N ARG B 314 -20.52 19.65 18.75
CA ARG B 314 -20.92 20.08 17.42
C ARG B 314 -20.11 19.31 16.36
N GLU B 315 -18.78 19.40 16.44
CA GLU B 315 -17.91 18.67 15.52
C GLU B 315 -18.27 17.19 15.42
N ILE B 316 -18.50 16.54 16.57
CA ILE B 316 -18.81 15.12 16.54
C ILE B 316 -20.14 14.85 15.84
N CYS B 317 -21.14 15.69 16.08
CA CYS B 317 -22.44 15.49 15.45
C CYS B 317 -22.37 15.71 13.96
N LYS B 318 -21.72 16.80 13.52
CA LYS B 318 -21.50 17.03 12.10
C LYS B 318 -20.84 15.82 11.44
N ASP B 319 -19.82 15.24 12.09
CA ASP B 319 -19.16 14.07 11.52
C ASP B 319 -20.11 12.88 11.43
N LEU B 320 -20.93 12.66 12.45
CA LEU B 320 -21.84 11.51 12.42
C LEU B 320 -23.05 11.73 11.50
N LEU B 321 -23.44 12.97 11.25
CA LEU B 321 -24.52 13.30 10.31
C LEU B 321 -23.92 14.06 9.12
N GLY B 322 -23.50 13.32 8.10
CA GLY B 322 -22.87 13.92 6.93
C GLY B 322 -23.84 14.31 5.83
N GLN B 331 -17.18 12.70 -0.57
CA GLN B 331 -16.09 12.51 0.39
C GLN B 331 -16.61 12.39 1.82
N TRP B 332 -17.21 11.23 2.14
CA TRP B 332 -17.74 10.93 3.46
C TRP B 332 -18.12 9.45 3.56
N GLU B 333 -17.56 8.75 4.55
CA GLU B 333 -17.89 7.35 4.76
C GLU B 333 -19.07 7.25 5.72
N SER B 334 -20.12 6.56 5.29
CA SER B 334 -21.27 6.34 6.16
C SER B 334 -20.93 5.46 7.37
N THR B 335 -19.76 4.85 7.39
CA THR B 335 -19.41 3.83 8.37
C THR B 335 -18.15 4.22 9.12
N VAL B 336 -18.07 3.79 10.37
CA VAL B 336 -16.83 3.79 11.13
C VAL B 336 -16.80 2.48 11.90
N VAL B 337 -15.72 1.72 11.76
CA VAL B 337 -15.49 0.59 12.65
C VAL B 337 -16.70 -0.34 12.51
N GLY B 338 -17.24 -0.39 11.29
CA GLY B 338 -18.36 -1.25 10.96
C GLY B 338 -19.63 -0.90 11.70
N LEU B 339 -19.96 0.39 11.75
CA LEU B 339 -21.20 0.85 12.38
C LEU B 339 -21.79 1.98 11.56
N ARG B 340 -23.11 2.01 11.46
CA ARG B 340 -23.80 3.09 10.78
C ARG B 340 -23.71 4.34 11.65
N LYS B 341 -22.98 5.37 11.19
CA LYS B 341 -22.71 6.53 12.04
C LYS B 341 -24.00 7.21 12.44
N ARG B 342 -24.90 7.43 11.47
CA ARG B 342 -26.17 8.08 11.77
C ARG B 342 -26.96 7.31 12.83
N GLU B 343 -26.79 5.98 12.87
CA GLU B 343 -27.41 5.21 13.95
C GLU B 343 -26.84 5.62 15.30
N LEU B 344 -25.52 5.80 15.38
CA LEU B 344 -24.91 6.24 16.63
C LEU B 344 -25.36 7.63 17.02
N LEU B 345 -25.41 8.55 16.05
CA LEU B 345 -25.95 9.88 16.32
C LEU B 345 -27.36 9.79 16.91
N LYS B 346 -28.19 8.90 16.33
CA LYS B 346 -29.51 8.63 16.90
C LYS B 346 -29.40 8.12 18.33
N GLU B 347 -28.38 7.32 18.63
CA GLU B 347 -28.18 6.89 20.01
C GLU B 347 -27.69 8.00 20.91
N LEU B 348 -27.17 9.09 20.33
CA LEU B 348 -26.77 10.27 21.10
C LEU B 348 -27.93 11.17 21.48
N LEU B 349 -28.74 11.54 20.49
CA LEU B 349 -29.71 12.61 20.64
C LEU B 349 -30.61 12.51 21.88
N PRO B 350 -30.90 11.31 22.44
CA PRO B 350 -31.44 11.28 23.81
C PRO B 350 -30.62 12.12 24.79
N VAL B 351 -29.32 11.78 24.89
CA VAL B 351 -28.43 12.43 25.84
C VAL B 351 -28.30 13.91 25.54
N ILE B 352 -28.18 14.26 24.25
CA ILE B 352 -28.04 15.66 23.86
C ILE B 352 -29.32 16.43 24.17
N GLY B 353 -30.48 15.80 23.95
CA GLY B 353 -31.73 16.43 24.29
C GLY B 353 -31.89 16.63 25.79
N GLN B 354 -31.28 15.75 26.59
CA GLN B 354 -31.39 15.84 28.03
C GLN B 354 -30.80 17.13 28.61
N ASN B 355 -30.24 18.00 27.77
CA ASN B 355 -29.60 19.23 28.21
C ASN B 355 -30.21 20.42 27.48
N LEU B 356 -30.35 21.54 28.21
CA LEU B 356 -31.00 22.71 27.63
C LEU B 356 -30.07 23.47 26.67
N ARG B 357 -28.78 23.56 26.99
CA ARG B 357 -27.86 24.35 26.16
C ARG B 357 -27.78 23.83 24.73
N PHE B 358 -28.06 22.55 24.52
CA PHE B 358 -27.98 21.95 23.20
C PHE B 358 -29.36 21.70 22.60
N GLN B 359 -30.34 22.53 22.94
CA GLN B 359 -31.66 22.41 22.33
C GLN B 359 -31.57 22.64 20.82
N ARG B 360 -30.94 23.75 20.42
CA ARG B 360 -30.84 24.04 19.00
C ARG B 360 -30.18 22.90 18.24
N LEU B 361 -29.12 22.31 18.80
CA LEU B 361 -28.37 21.29 18.09
C LEU B 361 -29.13 19.97 18.03
N PHE B 362 -29.83 19.60 19.11
CA PHE B 362 -30.69 18.44 19.07
C PHE B 362 -31.80 18.61 18.04
N THR B 363 -32.43 19.80 18.01
CA THR B 363 -33.46 20.06 17.02
C THR B 363 -32.91 19.92 15.61
N GLU B 364 -31.77 20.56 15.31
CA GLU B 364 -31.21 20.49 13.97
C GLU B 364 -30.89 19.05 13.57
N CYS B 365 -30.38 18.25 14.51
CA CYS B 365 -29.99 16.89 14.18
C CYS B 365 -31.20 15.98 14.00
N GLN B 366 -32.20 16.06 14.89
CA GLN B 366 -33.42 15.30 14.67
C GLN B 366 -34.16 15.78 13.44
N GLU B 367 -33.93 17.02 13.02
CA GLU B 367 -34.54 17.56 11.82
C GLU B 367 -33.92 16.90 10.60
N GLN B 368 -32.64 17.18 10.34
CA GLN B 368 -31.98 16.61 9.18
C GLN B 368 -32.06 15.08 9.19
N LEU B 369 -32.07 14.46 10.37
CA LEU B 369 -32.27 13.01 10.47
C LEU B 369 -33.66 12.63 9.97
N ASP B 370 -34.70 13.22 10.56
CA ASP B 370 -36.07 12.94 10.13
C ASP B 370 -36.29 13.27 8.66
N ILE B 371 -35.41 14.05 8.04
CA ILE B 371 -35.49 14.35 6.61
C ILE B 371 -35.07 13.13 5.80
N LEU B 372 -34.73 12.03 6.49
CA LEU B 372 -34.40 10.76 5.85
C LEU B 372 -35.63 9.94 5.46
N ARG B 373 -36.83 10.50 5.58
CA ARG B 373 -38.00 9.88 4.96
C ARG B 373 -37.86 9.86 3.44
N ASP B 374 -37.18 10.87 2.89
CA ASP B 374 -36.86 10.93 1.47
C ASP B 374 -36.07 9.71 1.01
N LYS C 40 26.66 -3.82 -7.34
CA LYS C 40 26.14 -5.18 -7.44
C LYS C 40 25.89 -5.60 -8.92
N LEU C 41 24.72 -5.27 -9.47
CA LEU C 41 24.41 -5.56 -10.87
C LEU C 41 25.05 -4.53 -11.79
N PRO C 42 25.26 -4.87 -13.06
CA PRO C 42 25.94 -3.92 -13.98
C PRO C 42 25.03 -2.82 -14.52
N ILE C 43 25.62 -1.63 -14.68
CA ILE C 43 24.98 -0.47 -15.31
C ILE C 43 25.37 -0.40 -16.78
N PRO C 44 24.43 -0.16 -17.72
CA PRO C 44 24.85 0.02 -19.12
C PRO C 44 25.65 1.31 -19.27
N SER C 45 26.74 1.23 -20.06
CA SER C 45 27.64 2.36 -20.24
C SER C 45 27.11 3.31 -21.31
N PRO C 46 27.40 4.61 -21.18
CA PRO C 46 26.92 5.58 -22.19
C PRO C 46 27.39 5.20 -23.58
N GLN C 47 26.57 5.55 -24.57
CA GLN C 47 26.87 5.32 -25.97
C GLN C 47 26.51 6.57 -26.75
N ARG C 48 27.09 6.70 -27.95
CA ARG C 48 26.66 7.77 -28.84
C ARG C 48 25.31 7.43 -29.45
N ALA C 49 25.09 6.16 -29.81
CA ALA C 49 23.86 5.70 -30.42
C ALA C 49 23.72 4.20 -30.22
N PHE C 50 22.49 3.70 -30.25
CA PHE C 50 22.29 2.25 -30.29
C PHE C 50 20.88 1.95 -30.77
N THR C 51 20.68 0.69 -31.17
CA THR C 51 19.39 0.19 -31.62
C THR C 51 19.08 -1.09 -30.85
N LEU C 52 17.80 -1.35 -30.60
CA LEU C 52 17.39 -2.54 -29.90
C LEU C 52 16.01 -2.95 -30.38
N GLN C 53 15.87 -4.22 -30.79
CA GLN C 53 14.55 -4.77 -31.05
C GLN C 53 13.89 -5.04 -29.70
N VAL C 54 12.67 -4.58 -29.52
CA VAL C 54 12.07 -4.57 -28.21
C VAL C 54 10.91 -5.56 -28.16
N SER C 55 9.79 -5.21 -28.79
CA SER C 55 8.69 -6.16 -28.87
C SER C 55 9.10 -7.34 -29.75
N SER C 56 8.16 -8.26 -29.93
CA SER C 56 8.34 -9.34 -30.90
C SER C 56 7.08 -9.58 -31.73
N ASP C 57 5.98 -8.86 -31.46
CA ASP C 57 4.75 -9.09 -32.24
C ASP C 57 4.94 -8.63 -33.68
N PRO C 58 5.20 -7.34 -33.99
CA PRO C 58 5.92 -7.06 -35.23
C PRO C 58 7.37 -6.81 -34.91
N SER C 59 8.17 -6.51 -35.92
CA SER C 59 9.52 -5.99 -35.67
C SER C 59 9.36 -4.57 -35.14
N MET C 60 9.49 -4.42 -33.81
CA MET C 60 9.48 -3.12 -33.14
C MET C 60 10.93 -2.81 -32.75
N TYR C 61 11.55 -1.90 -33.50
CA TYR C 61 12.91 -1.43 -33.24
C TYR C 61 12.87 -0.10 -32.48
N ILE C 62 13.95 0.15 -31.73
CA ILE C 62 14.13 1.38 -30.98
C ILE C 62 15.52 1.89 -31.30
N GLU C 63 15.62 3.18 -31.64
CA GLU C 63 16.90 3.81 -31.92
C GLU C 63 17.11 4.97 -30.96
N VAL C 64 18.33 5.07 -30.44
CA VAL C 64 18.71 6.10 -29.49
C VAL C 64 19.92 6.83 -30.05
N GLU C 65 19.86 8.16 -30.06
CA GLU C 65 21.01 9.00 -30.40
C GLU C 65 21.22 9.98 -29.27
N ASN C 66 22.32 9.86 -28.55
CA ASN C 66 22.50 10.72 -27.39
C ASN C 66 23.19 12.02 -27.77
N GLU C 67 22.68 13.12 -27.20
CA GLU C 67 23.25 14.46 -27.31
C GLU C 67 23.57 14.83 -28.77
N VAL C 68 22.49 14.97 -29.54
CA VAL C 68 22.60 15.29 -30.95
C VAL C 68 22.62 16.79 -31.19
N THR C 69 21.67 17.51 -30.60
CA THR C 69 21.54 18.94 -30.84
C THR C 69 21.39 19.64 -29.51
N VAL C 70 21.39 20.96 -29.55
CA VAL C 70 21.25 21.77 -28.35
C VAL C 70 20.20 22.84 -28.64
N VAL C 71 19.11 22.81 -27.89
CA VAL C 71 18.09 23.86 -27.90
C VAL C 71 18.20 24.61 -26.58
N GLY C 72 18.29 25.95 -26.66
CA GLY C 72 18.66 26.71 -25.48
C GLY C 72 20.07 26.33 -25.08
N GLY C 73 20.26 26.02 -23.81
CA GLY C 73 21.49 25.40 -23.36
C GLY C 73 21.34 23.92 -23.14
N VAL C 74 20.24 23.33 -23.59
CA VAL C 74 19.84 21.97 -23.26
C VAL C 74 20.28 21.06 -24.40
N LYS C 75 21.14 20.10 -24.08
CA LYS C 75 21.46 19.02 -25.01
C LYS C 75 20.28 18.05 -25.09
N LEU C 76 20.01 17.55 -26.29
CA LEU C 76 18.87 16.66 -26.51
C LEU C 76 19.36 15.31 -26.98
N SER C 77 18.66 14.26 -26.54
CA SER C 77 18.88 12.93 -27.04
C SER C 77 17.58 12.44 -27.68
N ARG C 78 17.71 11.73 -28.80
CA ARG C 78 16.58 11.31 -29.59
C ARG C 78 16.20 9.87 -29.26
N LEU C 79 14.90 9.67 -29.13
CA LEU C 79 14.28 8.36 -28.99
C LEU C 79 13.40 8.14 -30.22
N LYS C 80 13.66 7.05 -30.94
CA LYS C 80 12.92 6.69 -32.14
C LYS C 80 12.37 5.30 -32.00
N CYS C 81 11.17 5.08 -32.51
CA CYS C 81 10.51 3.79 -32.39
C CYS C 81 9.87 3.46 -33.73
N ASN C 82 10.19 2.27 -34.23
CA ASN C 82 9.64 1.71 -35.46
C ASN C 82 8.83 0.48 -35.09
N ARG C 83 7.58 0.43 -35.55
CA ARG C 83 6.72 -0.72 -35.28
C ARG C 83 5.83 -0.90 -36.50
N GLU C 84 5.86 -2.10 -37.10
CA GLU C 84 5.24 -2.35 -38.40
C GLU C 84 5.74 -1.23 -39.32
N GLY C 85 4.86 -0.45 -39.95
CA GLY C 85 5.33 0.60 -40.84
C GLY C 85 5.53 1.96 -40.22
N LYS C 86 5.25 2.11 -38.93
CA LYS C 86 5.06 3.41 -38.29
C LYS C 86 6.28 3.80 -37.44
N GLU C 87 6.77 5.02 -37.62
CA GLU C 87 7.89 5.57 -36.87
C GLU C 87 7.45 6.81 -36.10
N TRP C 88 7.71 6.82 -34.78
CA TRP C 88 7.61 8.03 -33.98
C TRP C 88 8.94 8.35 -33.32
N GLU C 89 9.08 9.60 -32.86
CA GLU C 89 10.30 10.01 -32.17
C GLU C 89 9.98 11.09 -31.13
N THR C 90 10.93 11.30 -30.23
CA THR C 90 10.84 12.36 -29.25
C THR C 90 12.25 12.68 -28.78
N VAL C 91 12.35 13.70 -27.94
CA VAL C 91 13.63 14.10 -27.38
C VAL C 91 13.56 13.97 -25.86
N LEU C 92 14.73 13.81 -25.27
CA LEU C 92 14.96 13.76 -23.83
C LEU C 92 16.10 14.71 -23.52
N THR C 93 16.16 15.16 -22.28
CA THR C 93 17.18 16.13 -21.92
C THR C 93 18.34 15.50 -21.16
N SER C 94 18.44 14.17 -21.14
CA SER C 94 19.64 13.52 -20.63
C SER C 94 19.85 12.21 -21.40
N ARG C 95 21.04 11.66 -21.28
CA ARG C 95 21.47 10.59 -22.18
C ARG C 95 20.80 9.27 -21.81
N ILE C 96 20.26 8.60 -22.82
CA ILE C 96 19.55 7.34 -22.63
C ILE C 96 20.55 6.20 -22.48
N LEU C 97 20.46 5.48 -21.36
CA LEU C 97 21.37 4.37 -21.07
C LEU C 97 20.84 3.03 -21.59
N THR C 98 19.55 2.77 -21.42
CA THR C 98 18.99 1.56 -22.03
C THR C 98 17.51 1.79 -22.30
N ALA C 99 16.91 0.91 -23.10
CA ALA C 99 15.49 1.03 -23.42
C ALA C 99 14.85 -0.34 -23.36
N ALA C 100 13.52 -0.33 -23.34
CA ALA C 100 12.73 -1.54 -23.41
C ALA C 100 11.34 -1.13 -23.85
N GLY C 101 10.54 -2.11 -24.25
CA GLY C 101 9.21 -1.75 -24.70
C GLY C 101 8.37 -2.95 -25.04
N SER C 102 7.11 -2.66 -25.36
CA SER C 102 6.12 -3.67 -25.66
C SER C 102 5.16 -3.12 -26.71
N CYS C 103 4.13 -3.92 -27.01
CA CYS C 103 3.06 -3.46 -27.90
C CYS C 103 2.33 -2.23 -27.35
N ASP C 104 2.53 -1.90 -26.07
CA ASP C 104 1.82 -0.83 -25.40
C ASP C 104 2.69 0.37 -25.04
N VAL C 105 3.93 0.14 -24.59
CA VAL C 105 4.73 1.24 -24.07
C VAL C 105 6.16 1.05 -24.52
N VAL C 106 6.89 2.16 -24.54
CA VAL C 106 8.34 2.18 -24.63
C VAL C 106 8.84 2.94 -23.43
N CYS C 107 9.87 2.43 -22.79
CA CYS C 107 10.42 3.16 -21.66
C CYS C 107 11.92 3.14 -21.79
N VAL C 108 12.54 4.16 -21.22
CA VAL C 108 13.97 4.37 -21.33
C VAL C 108 14.50 4.73 -19.94
N ALA C 109 15.69 4.22 -19.64
CA ALA C 109 16.42 4.61 -18.45
C ALA C 109 17.58 5.47 -18.90
N CYS C 110 17.70 6.63 -18.26
CA CYS C 110 18.68 7.66 -18.57
C CYS C 110 19.59 7.87 -17.37
N GLU C 111 20.73 8.49 -17.65
CA GLU C 111 21.66 9.03 -16.67
C GLU C 111 20.95 9.92 -15.67
N LYS C 112 21.56 10.07 -14.49
CA LYS C 112 20.94 10.68 -13.32
C LYS C 112 19.77 9.86 -12.80
N ARG C 113 19.76 8.53 -13.09
CA ARG C 113 18.85 7.56 -12.49
C ARG C 113 17.39 7.82 -12.88
N MET C 114 17.15 8.31 -14.11
CA MET C 114 15.80 8.70 -14.49
C MET C 114 15.16 7.62 -15.36
N LEU C 115 13.85 7.47 -15.25
CA LEU C 115 13.10 6.49 -16.02
C LEU C 115 11.89 7.17 -16.67
N SER C 116 11.80 7.11 -17.99
CA SER C 116 10.67 7.75 -18.68
C SER C 116 9.89 6.70 -19.45
N VAL C 117 8.58 6.94 -19.56
CA VAL C 117 7.65 6.00 -20.20
C VAL C 117 6.84 6.76 -21.25
N PHE C 118 6.72 6.16 -22.44
CA PHE C 118 6.07 6.73 -23.61
C PHE C 118 5.07 5.74 -24.17
N SER C 119 3.99 6.27 -24.76
CA SER C 119 2.99 5.46 -25.44
C SER C 119 3.57 4.88 -26.72
N THR C 120 2.75 4.11 -27.44
CA THR C 120 3.20 3.59 -28.74
C THR C 120 3.16 4.65 -29.83
N CYS C 121 2.68 5.86 -29.55
CA CYS C 121 2.77 7.00 -30.46
C CYS C 121 3.87 7.97 -30.09
N GLY C 122 4.69 7.66 -29.09
CA GLY C 122 5.71 8.60 -28.65
C GLY C 122 5.31 9.62 -27.62
N ARG C 123 4.13 9.49 -27.03
CA ARG C 123 3.64 10.46 -26.06
C ARG C 123 4.14 10.08 -24.67
N ARG C 124 4.78 11.02 -23.97
CA ARG C 124 5.18 10.77 -22.59
C ARG C 124 3.95 10.50 -21.73
N LEU C 125 3.95 9.36 -21.06
CA LEU C 125 2.81 8.97 -20.24
C LEU C 125 2.93 9.42 -18.80
N LEU C 126 4.15 9.51 -18.28
CA LEU C 126 4.37 9.84 -16.89
C LEU C 126 5.56 10.75 -16.75
N SER C 127 5.53 11.58 -15.73
CA SER C 127 6.70 12.32 -15.31
C SER C 127 7.90 11.38 -15.13
N PRO C 128 9.10 11.86 -15.41
CA PRO C 128 10.29 11.05 -15.18
C PRO C 128 10.37 10.55 -13.75
N ILE C 129 10.71 9.27 -13.60
CA ILE C 129 10.75 8.59 -12.31
C ILE C 129 12.20 8.49 -11.85
N LEU C 130 12.45 8.91 -10.61
CA LEU C 130 13.79 8.86 -10.04
C LEU C 130 13.99 7.49 -9.41
N LEU C 131 14.86 6.68 -10.02
CA LEU C 131 15.23 5.39 -9.46
C LEU C 131 16.17 5.60 -8.29
N PRO C 132 16.04 4.81 -7.22
CA PRO C 132 16.94 5.00 -6.05
C PRO C 132 18.38 4.59 -6.32
N SER C 133 18.65 4.00 -7.48
CA SER C 133 19.97 3.51 -7.84
C SER C 133 20.03 3.46 -9.36
N PRO C 134 21.19 3.60 -9.96
CA PRO C 134 21.26 3.56 -11.43
C PRO C 134 20.67 2.26 -11.97
N ILE C 135 20.04 2.37 -13.13
CA ILE C 135 19.43 1.22 -13.76
C ILE C 135 20.47 0.14 -14.05
N SER C 136 20.01 -1.10 -14.06
CA SER C 136 20.75 -2.21 -14.63
C SER C 136 20.05 -2.75 -15.87
N THR C 137 18.80 -3.18 -15.74
CA THR C 137 18.03 -3.68 -16.86
C THR C 137 16.59 -3.18 -16.77
N LEU C 138 15.91 -3.21 -17.93
CA LEU C 138 14.49 -2.88 -18.05
C LEU C 138 13.76 -3.98 -18.80
N HIS C 139 12.56 -4.29 -18.35
CA HIS C 139 11.66 -5.17 -19.06
C HIS C 139 10.31 -4.48 -19.15
N CYS C 140 9.57 -4.75 -20.24
CA CYS C 140 8.18 -4.32 -20.38
C CYS C 140 7.34 -5.47 -20.88
N THR C 141 6.19 -5.66 -20.25
CA THR C 141 5.19 -6.63 -20.65
C THR C 141 3.87 -5.89 -20.67
N GLY C 142 3.29 -5.73 -21.85
CA GLY C 142 2.09 -4.91 -21.95
C GLY C 142 2.36 -3.56 -21.32
N SER C 143 1.48 -3.15 -20.42
CA SER C 143 1.62 -1.86 -19.76
C SER C 143 2.38 -1.95 -18.44
N TYR C 144 3.08 -3.07 -18.21
CA TYR C 144 3.87 -3.30 -17.01
C TYR C 144 5.33 -2.94 -17.29
N VAL C 145 5.92 -2.11 -16.42
CA VAL C 145 7.32 -1.72 -16.57
C VAL C 145 8.08 -2.18 -15.32
N MET C 146 9.18 -2.87 -15.52
CA MET C 146 9.98 -3.40 -14.43
C MET C 146 11.39 -2.86 -14.55
N ALA C 147 11.88 -2.25 -13.49
CA ALA C 147 13.27 -1.83 -13.41
C ALA C 147 14.02 -2.68 -12.38
N LEU C 148 15.19 -3.14 -12.76
CA LEU C 148 16.15 -3.75 -11.84
C LEU C 148 17.36 -2.83 -11.81
N THR C 149 17.59 -2.19 -10.66
CA THR C 149 18.67 -1.23 -10.52
C THR C 149 19.97 -1.92 -10.13
N ALA C 150 21.07 -1.15 -10.17
CA ALA C 150 22.38 -1.72 -9.86
C ALA C 150 22.50 -2.17 -8.40
N ALA C 151 21.71 -1.58 -7.49
CA ALA C 151 21.65 -2.05 -6.11
C ALA C 151 20.79 -3.32 -5.96
N ALA C 152 20.47 -3.97 -7.07
CA ALA C 152 19.70 -5.22 -7.07
C ALA C 152 18.37 -5.05 -6.37
N THR C 153 17.77 -3.86 -6.48
CA THR C 153 16.39 -3.64 -6.08
C THR C 153 15.51 -3.63 -7.32
N LEU C 154 14.31 -4.20 -7.19
CA LEU C 154 13.44 -4.43 -8.34
C LEU C 154 12.10 -3.77 -8.11
N SER C 155 11.57 -3.18 -9.18
CA SER C 155 10.31 -2.44 -9.12
C SER C 155 9.46 -2.78 -10.34
N VAL C 156 8.16 -2.82 -10.13
CA VAL C 156 7.21 -3.04 -11.22
C VAL C 156 6.10 -2.00 -11.08
N TRP C 157 5.84 -1.27 -12.16
CA TRP C 157 4.73 -0.32 -12.25
C TRP C 157 3.75 -0.75 -13.33
N ASP C 158 2.49 -0.49 -13.07
CA ASP C 158 1.42 -0.62 -14.06
C ASP C 158 1.19 0.79 -14.61
N VAL C 159 1.77 1.09 -15.80
CA VAL C 159 1.70 2.46 -16.30
C VAL C 159 0.33 2.78 -16.88
N HIS C 160 -0.47 1.77 -17.23
CA HIS C 160 -1.82 2.04 -17.69
C HIS C 160 -2.70 2.52 -16.54
N ARG C 161 -2.79 1.74 -15.46
CA ARG C 161 -3.54 2.15 -14.28
C ARG C 161 -2.80 3.16 -13.42
N GLN C 162 -1.47 3.30 -13.61
CA GLN C 162 -0.65 4.30 -12.90
C GLN C 162 -0.49 3.95 -11.41
N VAL C 163 -0.20 2.69 -11.14
CA VAL C 163 0.01 2.23 -9.78
C VAL C 163 1.27 1.39 -9.76
N VAL C 164 1.89 1.34 -8.60
CA VAL C 164 2.99 0.42 -8.41
C VAL C 164 2.41 -0.98 -8.22
N VAL C 165 3.12 -1.96 -8.73
CA VAL C 165 2.83 -3.35 -8.49
C VAL C 165 3.79 -3.91 -7.47
N VAL C 166 5.08 -3.73 -7.70
CA VAL C 166 6.13 -4.17 -6.81
C VAL C 166 6.92 -2.92 -6.47
N LYS C 167 6.93 -2.55 -5.19
CA LYS C 167 7.60 -1.33 -4.73
C LYS C 167 8.97 -1.68 -4.16
N GLU C 168 10.01 -1.55 -4.99
CA GLU C 168 11.39 -1.53 -4.54
C GLU C 168 11.73 -2.76 -3.66
N GLU C 169 11.80 -3.92 -4.31
CA GLU C 169 12.01 -5.17 -3.59
C GLU C 169 13.45 -5.63 -3.77
N SER C 170 14.17 -5.75 -2.67
CA SER C 170 15.57 -6.14 -2.75
C SER C 170 15.65 -7.62 -3.12
N LEU C 171 16.72 -7.97 -3.82
CA LEU C 171 16.94 -9.36 -4.17
C LEU C 171 17.96 -10.02 -3.28
N HIS C 172 18.64 -9.27 -2.40
CA HIS C 172 19.45 -9.89 -1.37
C HIS C 172 18.62 -10.91 -0.59
N SER C 173 17.38 -10.55 -0.25
CA SER C 173 16.48 -11.48 0.44
C SER C 173 16.24 -12.74 -0.38
N ILE C 174 15.84 -12.58 -1.64
CA ILE C 174 15.45 -13.74 -2.43
C ILE C 174 16.69 -14.47 -2.92
N LEU C 175 17.87 -13.96 -2.54
CA LEU C 175 19.13 -14.57 -2.97
C LEU C 175 20.24 -14.36 -1.94
N ASP C 179 24.42 -19.37 -0.22
CA ASP C 179 23.76 -18.34 -1.02
C ASP C 179 24.04 -18.57 -2.50
N MET C 180 22.96 -18.80 -3.25
CA MET C 180 23.03 -18.99 -4.69
C MET C 180 23.04 -17.63 -5.39
N THR C 181 23.21 -17.66 -6.71
CA THR C 181 23.13 -16.50 -7.58
C THR C 181 21.84 -16.57 -8.41
N VAL C 182 21.59 -15.52 -9.20
CA VAL C 182 20.35 -15.45 -9.97
C VAL C 182 20.52 -16.07 -11.34
N SER C 183 19.41 -16.18 -12.09
CA SER C 183 19.43 -16.62 -13.48
C SER C 183 18.39 -15.84 -14.28
N GLN C 184 17.51 -16.53 -15.00
CA GLN C 184 16.49 -15.87 -15.82
C GLN C 184 15.46 -15.10 -14.98
N ILE C 185 15.08 -13.91 -15.43
CA ILE C 185 14.02 -13.11 -14.82
C ILE C 185 12.87 -12.97 -15.81
N LEU C 186 11.70 -13.47 -15.42
CA LEU C 186 10.49 -13.42 -16.25
C LEU C 186 9.55 -12.34 -15.73
N LEU C 187 8.61 -11.92 -16.58
CA LEU C 187 7.64 -10.87 -16.24
C LEU C 187 6.28 -11.19 -16.87
N THR C 188 5.36 -11.71 -16.07
CA THR C 188 4.11 -12.21 -16.64
C THR C 188 3.21 -11.08 -17.11
N GLN C 189 2.14 -11.48 -17.79
CA GLN C 189 1.18 -10.56 -18.40
C GLN C 189 0.20 -10.00 -17.39
N HIS C 190 0.40 -10.27 -16.11
CA HIS C 190 -0.29 -9.53 -15.05
C HIS C 190 0.70 -8.71 -14.24
N GLY C 191 1.95 -8.63 -14.69
CA GLY C 191 2.94 -7.82 -14.00
C GLY C 191 3.63 -8.50 -12.84
N ILE C 192 3.62 -9.83 -12.78
CA ILE C 192 4.25 -10.58 -11.70
C ILE C 192 5.71 -10.78 -12.05
N PRO C 193 6.65 -10.38 -11.18
CA PRO C 193 8.04 -10.82 -11.35
C PRO C 193 8.22 -12.28 -10.95
N VAL C 194 9.11 -12.94 -11.69
CA VAL C 194 9.48 -14.32 -11.49
C VAL C 194 10.97 -14.42 -11.65
N MET C 195 11.66 -14.92 -10.63
CA MET C 195 13.09 -15.13 -10.67
C MET C 195 13.41 -16.60 -10.53
N ASN C 196 14.05 -17.15 -11.56
CA ASN C 196 14.66 -18.48 -11.52
C ASN C 196 16.08 -18.34 -11.02
N LEU C 197 16.41 -19.05 -9.96
CA LEU C 197 17.72 -19.00 -9.35
C LEU C 197 18.55 -20.17 -9.83
N SER C 198 19.85 -20.10 -9.55
CA SER C 198 20.80 -21.07 -10.06
C SER C 198 20.65 -22.44 -9.40
N ASP C 199 19.97 -22.50 -8.25
CA ASP C 199 19.76 -23.73 -7.51
C ASP C 199 18.47 -24.42 -7.90
N GLY C 200 17.82 -23.98 -8.98
CA GLY C 200 16.61 -24.62 -9.48
C GLY C 200 15.32 -24.11 -8.87
N LYS C 201 15.38 -23.25 -7.86
CA LYS C 201 14.19 -22.67 -7.27
C LYS C 201 13.76 -21.42 -8.02
N ALA C 202 12.46 -21.30 -8.26
CA ALA C 202 11.84 -20.07 -8.74
C ALA C 202 10.99 -19.44 -7.65
N TYR C 203 11.10 -18.12 -7.53
CA TYR C 203 10.24 -17.34 -6.65
C TYR C 203 9.53 -16.28 -7.48
N CYS C 204 8.22 -16.19 -7.31
CA CYS C 204 7.49 -15.12 -7.95
C CYS C 204 6.84 -14.25 -6.89
N PHE C 205 6.79 -12.95 -7.15
CA PHE C 205 6.34 -11.97 -6.16
C PHE C 205 4.84 -11.70 -6.32
N ASN C 206 4.05 -12.10 -5.32
CA ASN C 206 2.62 -11.82 -5.31
C ASN C 206 2.39 -10.40 -4.84
N PRO C 207 1.75 -9.54 -5.64
CA PRO C 207 1.57 -8.12 -5.22
C PRO C 207 0.55 -7.94 -4.12
N SER C 208 -0.51 -8.76 -4.10
CA SER C 208 -1.51 -8.66 -3.04
C SER C 208 -0.94 -9.09 -1.69
N LEU C 209 -0.38 -10.31 -1.61
CA LEU C 209 0.29 -10.76 -0.40
C LEU C 209 1.58 -9.98 -0.15
N SER C 210 2.10 -9.29 -1.16
CA SER C 210 3.39 -8.59 -1.08
C SER C 210 4.48 -9.52 -0.53
N THR C 211 4.63 -10.69 -1.16
CA THR C 211 5.58 -11.71 -0.72
C THR C 211 6.30 -12.29 -1.91
N TRP C 212 7.50 -12.81 -1.66
CA TRP C 212 8.12 -13.74 -2.58
C TRP C 212 7.62 -15.14 -2.23
N ASN C 213 7.21 -15.88 -3.26
CA ASN C 213 6.58 -17.18 -3.09
C ASN C 213 7.26 -18.20 -3.96
N LEU C 214 7.51 -19.37 -3.37
CA LEU C 214 8.20 -20.44 -4.08
C LEU C 214 7.19 -21.17 -4.97
N VAL C 215 7.38 -21.10 -6.28
CA VAL C 215 6.47 -21.77 -7.19
C VAL C 215 7.14 -22.88 -7.98
N SER C 216 8.44 -23.11 -7.77
CA SER C 216 9.13 -24.21 -8.42
C SER C 216 10.44 -24.49 -7.69
N ASP C 217 10.76 -25.77 -7.54
CA ASP C 217 12.03 -26.19 -6.93
C ASP C 217 12.42 -27.53 -7.55
N LYS C 218 13.35 -27.49 -8.50
CA LYS C 218 13.72 -28.70 -9.25
C LYS C 218 14.32 -29.77 -8.34
N GLN C 219 15.32 -29.39 -7.52
CA GLN C 219 16.04 -30.38 -6.71
C GLN C 219 15.14 -31.04 -5.67
N ASP C 220 14.19 -30.29 -5.10
CA ASP C 220 13.25 -30.84 -4.14
C ASP C 220 11.87 -31.09 -4.73
N SER C 221 11.76 -31.11 -6.04
CA SER C 221 10.46 -31.33 -6.68
C SER C 221 9.88 -32.68 -6.27
N LEU C 222 8.61 -32.66 -5.89
CA LEU C 222 7.82 -33.87 -5.68
C LEU C 222 7.21 -34.39 -6.96
N ALA C 223 7.59 -33.83 -8.10
CA ALA C 223 6.90 -34.17 -9.34
C ALA C 223 7.24 -35.59 -9.79
N GLN C 224 8.52 -35.99 -9.69
CA GLN C 224 8.92 -37.29 -10.23
C GLN C 224 8.15 -38.45 -9.60
N CYS C 225 7.72 -38.32 -8.34
CA CYS C 225 7.10 -39.41 -7.60
C CYS C 225 5.60 -39.24 -7.42
N ALA C 226 4.99 -38.24 -8.05
CA ALA C 226 3.57 -38.00 -7.86
C ALA C 226 2.77 -38.89 -8.80
N ASP C 227 1.69 -39.49 -8.27
CA ASP C 227 0.91 -40.51 -8.98
C ASP C 227 -0.55 -40.10 -9.00
N PHE C 228 -0.97 -39.63 -10.17
CA PHE C 228 -2.32 -39.19 -10.46
C PHE C 228 -2.48 -39.37 -11.96
N ARG C 229 -3.71 -39.60 -12.41
CA ARG C 229 -3.91 -40.10 -13.78
C ARG C 229 -4.72 -39.16 -14.68
N GLY C 242 0.90 -21.78 -20.08
CA GLY C 242 1.08 -20.63 -19.21
C GLY C 242 2.46 -20.45 -18.59
N PRO C 243 2.56 -19.50 -17.66
CA PRO C 243 3.86 -19.26 -17.01
C PRO C 243 4.32 -20.38 -16.08
N LEU C 244 3.41 -21.13 -15.44
CA LEU C 244 3.86 -22.20 -14.55
C LEU C 244 4.58 -23.30 -15.32
N ALA C 245 3.99 -23.76 -16.43
CA ALA C 245 4.69 -24.70 -17.31
C ALA C 245 6.08 -24.18 -17.70
N ILE C 246 6.16 -22.91 -18.09
CA ILE C 246 7.42 -22.36 -18.60
C ILE C 246 8.48 -22.30 -17.49
N ILE C 247 8.09 -21.83 -16.31
CA ILE C 247 9.05 -21.76 -15.21
C ILE C 247 9.46 -23.15 -14.72
N GLN C 248 8.51 -24.08 -14.63
CA GLN C 248 8.83 -25.40 -14.09
C GLN C 248 9.58 -26.25 -15.10
N GLY C 249 9.23 -26.15 -16.38
CA GLY C 249 9.88 -26.94 -17.42
C GLY C 249 9.11 -28.19 -17.81
N GLN C 257 3.07 -40.80 -16.51
CA GLN C 257 2.81 -41.89 -15.58
C GLN C 257 4.02 -42.10 -14.66
N ALA C 258 3.81 -41.90 -13.36
CA ALA C 258 4.85 -42.12 -12.36
C ALA C 258 4.91 -43.60 -11.99
N ALA C 259 6.13 -44.13 -11.88
CA ALA C 259 6.36 -45.47 -11.36
C ALA C 259 5.96 -45.54 -9.88
N ARG C 260 5.47 -46.70 -9.46
CA ARG C 260 5.14 -46.81 -8.05
C ARG C 260 6.40 -47.11 -7.25
N LEU C 261 6.42 -46.61 -6.02
CA LEU C 261 7.64 -46.59 -5.23
C LEU C 261 7.81 -47.92 -4.49
N PHE C 262 9.00 -48.46 -4.56
CA PHE C 262 9.34 -49.69 -3.86
C PHE C 262 9.84 -49.44 -2.46
N SER C 263 10.25 -48.20 -2.16
CA SER C 263 10.98 -47.92 -0.93
C SER C 263 10.11 -47.30 0.16
N VAL C 264 8.86 -46.98 -0.13
CA VAL C 264 8.00 -46.36 0.88
C VAL C 264 6.60 -46.91 0.76
N PRO C 265 5.84 -46.84 1.85
CA PRO C 265 4.46 -47.31 1.80
C PRO C 265 3.59 -46.42 0.94
N HIS C 266 2.51 -47.02 0.43
CA HIS C 266 1.61 -46.32 -0.47
C HIS C 266 1.09 -44.99 0.12
N VAL C 267 0.96 -44.89 1.45
CA VAL C 267 0.41 -43.66 2.03
C VAL C 267 1.36 -42.46 1.82
N VAL C 268 2.67 -42.71 1.84
CA VAL C 268 3.66 -41.69 1.58
C VAL C 268 3.55 -41.15 0.15
N GLN C 269 3.36 -42.04 -0.83
CA GLN C 269 3.19 -41.59 -2.21
C GLN C 269 1.84 -40.90 -2.38
N GLN C 270 0.81 -41.35 -1.66
CA GLN C 270 -0.44 -40.59 -1.70
C GLN C 270 -0.26 -39.18 -1.16
N GLU C 271 0.46 -39.02 -0.04
CA GLU C 271 0.57 -37.69 0.56
C GLU C 271 1.47 -36.81 -0.29
N THR C 272 2.52 -37.38 -0.86
CA THR C 272 3.37 -36.67 -1.80
C THR C 272 2.57 -36.20 -3.03
N THR C 273 1.66 -37.04 -3.53
CA THR C 273 0.85 -36.65 -4.68
C THR C 273 -0.13 -35.54 -4.31
N LEU C 274 -0.76 -35.66 -3.14
CA LEU C 274 -1.61 -34.59 -2.61
C LEU C 274 -0.84 -33.27 -2.53
N ALA C 275 0.32 -33.29 -1.86
CA ALA C 275 1.09 -32.07 -1.67
C ALA C 275 1.54 -31.48 -3.00
N TYR C 276 1.93 -32.34 -3.95
CA TYR C 276 2.32 -31.83 -5.27
C TYR C 276 1.16 -31.12 -5.95
N LEU C 277 0.00 -31.79 -6.04
CA LEU C 277 -1.13 -31.17 -6.72
C LEU C 277 -1.57 -29.87 -6.04
N GLU C 278 -1.61 -29.88 -4.70
CA GLU C 278 -1.97 -28.66 -3.97
C GLU C 278 -0.96 -27.56 -4.22
N ASN C 279 0.33 -27.93 -4.37
CA ASN C 279 1.36 -26.96 -4.71
C ASN C 279 1.10 -26.37 -6.10
N GLN C 280 0.73 -27.23 -7.07
CA GLN C 280 0.48 -26.74 -8.43
C GLN C 280 -0.69 -25.78 -8.45
N VAL C 281 -1.77 -26.14 -7.76
CA VAL C 281 -2.92 -25.23 -7.66
C VAL C 281 -2.48 -23.90 -7.06
N ALA C 282 -1.79 -23.94 -5.91
CA ALA C 282 -1.41 -22.69 -5.26
C ALA C 282 -0.41 -21.90 -6.09
N ALA C 283 0.44 -22.57 -6.88
CA ALA C 283 1.43 -21.86 -7.69
C ALA C 283 0.75 -21.16 -8.85
N ALA C 284 -0.23 -21.82 -9.46
CA ALA C 284 -0.99 -21.15 -10.52
C ALA C 284 -1.78 -19.97 -9.97
N LEU C 285 -2.32 -20.13 -8.76
CA LEU C 285 -3.06 -19.05 -8.12
C LEU C 285 -2.14 -17.91 -7.71
N THR C 286 -0.89 -18.24 -7.41
CA THR C 286 0.13 -17.26 -7.08
C THR C 286 0.63 -16.54 -8.32
N LEU C 287 0.75 -17.24 -9.43
CA LEU C 287 1.17 -16.63 -10.69
C LEU C 287 0.03 -15.90 -11.40
N GLN C 288 -1.19 -15.96 -10.86
CA GLN C 288 -2.35 -15.41 -11.55
C GLN C 288 -2.50 -15.96 -12.97
N SER C 289 -2.00 -17.18 -13.20
CA SER C 289 -2.15 -17.86 -14.48
C SER C 289 -3.48 -18.61 -14.48
N SER C 290 -4.46 -18.09 -15.24
CA SER C 290 -5.86 -18.47 -15.04
C SER C 290 -6.19 -19.84 -15.62
N HIS C 291 -5.69 -20.15 -16.80
CA HIS C 291 -6.00 -21.44 -17.37
C HIS C 291 -5.26 -22.55 -16.66
N GLU C 292 -4.01 -22.30 -16.25
CA GLU C 292 -3.29 -23.27 -15.43
C GLU C 292 -3.97 -23.47 -14.08
N TYR C 293 -4.59 -22.43 -13.53
CA TYR C 293 -5.32 -22.60 -12.28
C TYR C 293 -6.54 -23.49 -12.48
N ARG C 294 -7.29 -23.25 -13.56
CA ARG C 294 -8.42 -24.12 -13.87
C ARG C 294 -7.93 -25.57 -14.01
N HIS C 295 -6.99 -25.79 -14.93
CA HIS C 295 -6.45 -27.11 -15.16
C HIS C 295 -6.12 -27.79 -13.83
N TRP C 296 -5.21 -27.19 -13.07
CA TRP C 296 -4.68 -27.87 -11.89
C TRP C 296 -5.74 -28.06 -10.82
N LEU C 297 -6.64 -27.08 -10.66
CA LEU C 297 -7.77 -27.30 -9.75
C LEU C 297 -8.54 -28.57 -10.13
N LEU C 298 -8.77 -28.78 -11.43
CA LEU C 298 -9.62 -29.92 -11.79
C LEU C 298 -8.84 -31.26 -11.83
N VAL C 299 -7.55 -31.24 -12.13
CA VAL C 299 -6.75 -32.44 -11.93
C VAL C 299 -6.73 -32.82 -10.45
N TYR C 300 -6.43 -31.85 -9.59
CA TYR C 300 -6.44 -32.06 -8.16
C TYR C 300 -7.79 -32.56 -7.67
N ALA C 301 -8.86 -31.95 -8.16
CA ALA C 301 -10.21 -32.35 -7.76
C ALA C 301 -10.48 -33.79 -8.15
N ARG C 302 -10.01 -34.19 -9.33
CA ARG C 302 -10.27 -35.57 -9.73
C ARG C 302 -9.43 -36.53 -8.90
N TYR C 303 -8.20 -36.14 -8.53
CA TYR C 303 -7.45 -36.97 -7.59
C TYR C 303 -8.23 -37.13 -6.30
N LEU C 304 -8.81 -36.04 -5.78
CA LEU C 304 -9.57 -36.12 -4.54
C LEU C 304 -10.75 -37.07 -4.68
N VAL C 305 -11.48 -36.97 -5.79
CA VAL C 305 -12.63 -37.84 -6.02
C VAL C 305 -12.19 -39.30 -6.10
N ASN C 306 -11.17 -39.58 -6.90
CA ASN C 306 -10.77 -40.95 -7.15
C ASN C 306 -10.20 -41.61 -5.90
N GLU C 307 -9.48 -40.84 -5.09
CA GLU C 307 -8.84 -41.38 -3.91
C GLU C 307 -9.71 -41.34 -2.66
N GLY C 308 -10.82 -40.59 -2.66
CA GLY C 308 -11.72 -40.58 -1.53
C GLY C 308 -11.45 -39.53 -0.47
N PHE C 309 -10.59 -38.54 -0.75
CA PHE C 309 -10.30 -37.43 0.18
C PHE C 309 -11.51 -36.50 0.25
N GLU C 310 -12.48 -36.86 1.09
CA GLU C 310 -13.79 -36.23 1.05
C GLU C 310 -13.79 -34.83 1.65
N TYR C 311 -12.99 -34.59 2.68
CA TYR C 311 -13.13 -33.33 3.40
C TYR C 311 -12.49 -32.18 2.66
N ARG C 312 -11.33 -32.42 2.05
CA ARG C 312 -10.76 -31.44 1.13
C ARG C 312 -11.75 -31.13 0.01
N LEU C 313 -12.41 -32.16 -0.52
CA LEU C 313 -13.33 -31.97 -1.64
C LEU C 313 -14.53 -31.14 -1.24
N ARG C 314 -15.22 -31.55 -0.18
CA ARG C 314 -16.32 -30.77 0.36
C ARG C 314 -15.90 -29.32 0.61
N GLU C 315 -14.70 -29.13 1.16
CA GLU C 315 -14.24 -27.77 1.45
C GLU C 315 -14.14 -26.94 0.18
N ILE C 316 -13.49 -27.49 -0.86
CA ILE C 316 -13.43 -26.83 -2.15
C ILE C 316 -14.83 -26.48 -2.65
N CYS C 317 -15.78 -27.40 -2.49
CA CYS C 317 -17.14 -27.15 -2.94
C CYS C 317 -17.78 -26.00 -2.17
N LYS C 318 -17.63 -26.00 -0.85
CA LYS C 318 -18.17 -24.94 -0.01
C LYS C 318 -17.62 -23.59 -0.44
N ASP C 319 -16.30 -23.48 -0.57
CA ASP C 319 -15.70 -22.22 -1.00
C ASP C 319 -16.25 -21.82 -2.37
N LEU C 320 -16.18 -22.72 -3.35
CA LEU C 320 -16.65 -22.40 -4.69
C LEU C 320 -18.14 -22.10 -4.73
N LEU C 321 -18.89 -22.45 -3.67
CA LEU C 321 -20.32 -22.25 -3.62
C LEU C 321 -20.66 -20.87 -3.06
N GLY C 322 -20.53 -20.69 -1.75
CA GLY C 322 -20.83 -19.41 -1.12
C GLY C 322 -21.93 -19.49 -0.07
N TRP C 332 -17.04 -13.49 1.51
CA TRP C 332 -16.91 -14.42 0.39
C TRP C 332 -16.67 -13.68 -0.93
N GLU C 333 -15.50 -13.90 -1.54
CA GLU C 333 -15.24 -13.36 -2.87
C GLU C 333 -15.85 -14.27 -3.92
N SER C 334 -16.42 -13.67 -4.96
CA SER C 334 -17.20 -14.41 -5.94
C SER C 334 -16.38 -14.90 -7.12
N THR C 335 -15.12 -14.51 -7.23
CA THR C 335 -14.30 -14.90 -8.37
C THR C 335 -12.92 -15.33 -7.89
N VAL C 336 -12.22 -16.06 -8.75
CA VAL C 336 -10.89 -16.57 -8.47
C VAL C 336 -10.06 -16.37 -9.73
N VAL C 337 -8.95 -15.65 -9.62
CA VAL C 337 -7.98 -15.48 -10.71
C VAL C 337 -8.75 -15.07 -11.98
N GLY C 338 -9.87 -14.38 -11.78
CA GLY C 338 -10.65 -13.90 -12.90
C GLY C 338 -11.58 -14.92 -13.53
N LEU C 339 -11.97 -15.95 -12.78
CA LEU C 339 -12.99 -16.90 -13.21
C LEU C 339 -14.08 -16.96 -12.17
N ARG C 340 -15.30 -17.29 -12.61
CA ARG C 340 -16.43 -17.39 -11.69
C ARG C 340 -16.26 -18.62 -10.82
N LYS C 341 -16.26 -18.43 -9.49
CA LYS C 341 -16.04 -19.55 -8.57
C LYS C 341 -17.16 -20.59 -8.69
N ARG C 342 -18.29 -20.23 -9.29
CA ARG C 342 -19.37 -21.19 -9.48
C ARG C 342 -19.37 -21.83 -10.88
N GLU C 343 -18.74 -21.20 -11.88
CA GLU C 343 -18.49 -21.92 -13.12
C GLU C 343 -17.51 -23.07 -12.90
N LEU C 344 -16.60 -22.92 -11.94
CA LEU C 344 -15.65 -23.98 -11.61
C LEU C 344 -16.35 -25.13 -10.88
N LEU C 345 -17.26 -24.80 -9.97
CA LEU C 345 -18.09 -25.84 -9.39
C LEU C 345 -18.92 -26.53 -10.47
N LYS C 346 -19.35 -25.78 -11.49
CA LYS C 346 -20.07 -26.38 -12.60
C LYS C 346 -19.19 -27.36 -13.37
N GLU C 347 -17.91 -27.00 -13.58
CA GLU C 347 -17.03 -27.87 -14.36
C GLU C 347 -16.62 -29.12 -13.58
N LEU C 348 -16.46 -29.02 -12.26
CA LEU C 348 -16.01 -30.17 -11.49
C LEU C 348 -17.14 -30.86 -10.73
N LEU C 349 -18.39 -30.45 -10.92
CA LEU C 349 -19.49 -31.30 -10.45
C LEU C 349 -19.55 -32.63 -11.19
N PRO C 350 -19.37 -32.72 -12.52
CA PRO C 350 -19.41 -34.03 -13.17
C PRO C 350 -18.26 -34.97 -12.78
N VAL C 351 -17.05 -34.47 -12.50
CA VAL C 351 -15.99 -35.38 -12.05
C VAL C 351 -16.33 -35.93 -10.67
N ILE C 352 -16.94 -35.11 -9.82
CA ILE C 352 -17.48 -35.63 -8.57
C ILE C 352 -18.55 -36.67 -8.87
N GLY C 353 -19.32 -36.46 -9.94
CA GLY C 353 -20.46 -37.32 -10.20
C GLY C 353 -20.08 -38.69 -10.70
N GLN C 354 -18.91 -38.83 -11.33
CA GLN C 354 -18.59 -40.17 -11.79
C GLN C 354 -18.22 -41.13 -10.66
N ASN C 355 -18.17 -40.69 -9.41
CA ASN C 355 -17.90 -41.60 -8.29
C ASN C 355 -19.18 -41.78 -7.48
N LEU C 356 -19.61 -43.03 -7.34
CA LEU C 356 -20.85 -43.33 -6.63
C LEU C 356 -20.78 -42.87 -5.18
N ARG C 357 -19.61 -43.03 -4.55
CA ARG C 357 -19.44 -42.65 -3.14
C ARG C 357 -19.89 -41.22 -2.88
N PHE C 358 -19.72 -40.33 -3.86
CA PHE C 358 -19.99 -38.92 -3.69
C PHE C 358 -21.30 -38.48 -4.32
N GLN C 359 -22.23 -39.41 -4.59
CA GLN C 359 -23.52 -39.02 -5.17
C GLN C 359 -24.18 -37.92 -4.33
N ARG C 360 -24.24 -38.12 -3.01
CA ARG C 360 -24.83 -37.12 -2.14
C ARG C 360 -24.20 -35.74 -2.35
N LEU C 361 -22.86 -35.69 -2.43
CA LEU C 361 -22.21 -34.41 -2.67
C LEU C 361 -22.66 -33.84 -4.01
N PHE C 362 -22.62 -34.66 -5.07
CA PHE C 362 -23.11 -34.20 -6.37
C PHE C 362 -24.56 -33.74 -6.25
N THR C 363 -25.33 -34.42 -5.39
CA THR C 363 -26.69 -33.96 -5.13
C THR C 363 -26.67 -32.66 -4.33
N GLU C 364 -25.94 -32.63 -3.21
CA GLU C 364 -26.01 -31.48 -2.31
C GLU C 364 -25.53 -30.19 -2.98
N CYS C 365 -24.83 -30.31 -4.10
CA CYS C 365 -24.41 -29.16 -4.90
C CYS C 365 -25.43 -28.79 -5.99
N GLN C 366 -26.56 -29.49 -6.06
CA GLN C 366 -27.63 -29.10 -6.98
C GLN C 366 -28.33 -27.82 -6.58
N GLU C 367 -27.88 -27.15 -5.51
CA GLU C 367 -28.38 -25.84 -5.13
C GLU C 367 -28.28 -24.88 -6.32
N GLN C 368 -29.43 -24.57 -6.91
CA GLN C 368 -29.56 -23.60 -7.99
C GLN C 368 -30.55 -22.52 -7.55
N LEU C 369 -30.67 -21.48 -8.38
CA LEU C 369 -31.55 -20.35 -8.09
C LEU C 369 -31.86 -19.55 -9.35
S SO4 D . -7.22 20.92 -7.38
O1 SO4 D . -7.90 21.37 -6.16
O2 SO4 D . -7.82 19.65 -7.80
O3 SO4 D . -5.79 20.75 -7.09
O4 SO4 D . -7.36 21.92 -8.44
S SO4 E . -12.42 25.58 41.05
O1 SO4 E . -12.30 26.25 42.35
O2 SO4 E . -11.75 24.28 41.17
O3 SO4 E . -11.75 26.37 40.05
O4 SO4 E . -13.81 25.35 40.68
S SO4 F . 11.70 -46.39 -5.35
O1 SO4 F . 11.03 -46.31 -4.05
O2 SO4 F . 10.70 -46.20 -6.40
O3 SO4 F . 12.34 -47.69 -5.52
O4 SO4 F . 12.70 -45.33 -5.43
#